data_7H8S
#
_entry.id   7H8S
#
_cell.length_a   87.410
_cell.length_b   87.410
_cell.length_c   85.786
_cell.angle_alpha   90.00
_cell.angle_beta   90.00
_cell.angle_gamma   120.00
#
_symmetry.space_group_name_H-M   'P 31'
#
loop_
_entity.id
_entity.type
_entity.pdbx_description
1 polymer 'Non-structural protein 3'
2 non-polymer 'DIMETHYL SULFOXIDE'
3 non-polymer 2-AMINO-2-HYDROXYMETHYL-PROPANE-1,3-DIOL
4 non-polymer 'CHLORIDE ION'
5 non-polymer CAFFEINE
6 water water
#
_entity_poly.entity_id   1
_entity_poly.type   'polypeptide(L)'
_entity_poly.pdbx_seq_one_letter_code
;GAMAPSYRVKRMDIAKNDEECVVNAANPRGLPGDGVCKAVYKKWPESFKNSATPVGTAKTVMCGTYPVIHAVGPNFSNYT
ESEGDRELAAAYREVAKEVTRLGVNSVAIPLLSTGVYSGGKDRLTQSLNHLFTAMDSTDADVVIYCRDKEWEKKISEAIQ
MRT
;
_entity_poly.pdbx_strand_id   A,B,C,D
#
loop_
_chem_comp.id
_chem_comp.type
_chem_comp.name
_chem_comp.formula
CFF non-polymer CAFFEINE 'C8 H10 N4 O2'
CL non-polymer 'CHLORIDE ION' 'Cl -1'
DMS non-polymer 'DIMETHYL SULFOXIDE' 'C2 H6 O S'
TRS non-polymer 2-AMINO-2-HYDROXYMETHYL-PROPANE-1,3-DIOL 'C4 H12 N O3 1'
#
# COMPACT_ATOMS: atom_id res chain seq x y z
N GLY A 1 19.79 8.93 -11.34
CA GLY A 1 20.32 10.04 -10.47
C GLY A 1 19.38 11.23 -10.44
N ALA A 2 19.55 12.12 -9.45
CA ALA A 2 18.80 13.41 -9.42
C ALA A 2 19.43 14.37 -10.42
N MET A 3 18.66 15.29 -11.04
CA MET A 3 19.24 16.18 -12.10
C MET A 3 20.33 17.11 -11.51
N ALA A 4 20.15 17.54 -10.26
CA ALA A 4 21.11 18.41 -9.55
C ALA A 4 21.15 17.95 -8.09
N PRO A 5 21.87 16.84 -7.80
CA PRO A 5 21.86 16.25 -6.48
C PRO A 5 22.04 17.30 -5.37
N SER A 6 21.19 17.25 -4.33
CA SER A 6 21.10 18.26 -3.25
C SER A 6 21.09 17.57 -1.89
N TYR A 7 21.35 18.36 -0.84
CA TYR A 7 21.04 18.04 0.56
C TYR A 7 19.98 18.99 1.08
N ARG A 8 19.03 18.47 1.82
CA ARG A 8 18.01 19.27 2.51
C ARG A 8 17.81 18.69 3.90
N VAL A 9 17.21 19.48 4.77
CA VAL A 9 16.86 19.04 6.14
C VAL A 9 15.41 19.41 6.41
N LYS A 10 14.67 18.47 7.00
CA LYS A 10 13.29 18.72 7.48
C LYS A 10 13.16 18.26 8.94
N ARG A 11 12.36 18.99 9.70
CA ARG A 11 12.05 18.70 11.11
C ARG A 11 10.64 18.12 11.17
N MET A 12 10.59 16.79 11.12
CA MET A 12 9.30 16.02 11.13
C MET A 12 9.67 14.53 11.24
N ASP A 13 8.63 13.73 11.45
CA ASP A 13 8.70 12.26 11.52
C ASP A 13 9.15 11.70 10.16
N ILE A 14 10.28 10.99 10.12
CA ILE A 14 10.83 10.33 8.89
C ILE A 14 9.83 9.30 8.33
N ALA A 15 8.88 8.78 9.14
CA ALA A 15 7.79 7.90 8.65
C ALA A 15 6.84 8.62 7.67
N LYS A 16 6.86 9.95 7.57
CA LYS A 16 6.04 10.76 6.63
C LYS A 16 6.93 11.31 5.51
N ASN A 17 8.12 10.73 5.25
CA ASN A 17 9.05 11.24 4.21
C ASN A 17 8.41 11.21 2.81
N ASP A 18 8.96 12.01 1.94
CA ASP A 18 8.57 12.18 0.52
C ASP A 18 9.69 11.70 -0.40
N GLU A 19 10.49 10.73 0.05
CA GLU A 19 11.63 10.20 -0.74
C GLU A 19 11.37 8.77 -1.22
N GLU A 20 12.26 8.27 -2.07
CA GLU A 20 12.05 6.96 -2.74
C GLU A 20 12.47 5.79 -1.85
N CYS A 21 13.16 6.06 -0.74
CA CYS A 21 13.55 5.03 0.25
C CYS A 21 13.90 5.71 1.55
N VAL A 22 13.96 4.90 2.62
CA VAL A 22 14.21 5.41 3.98
C VAL A 22 15.37 4.65 4.60
N VAL A 23 16.19 5.34 5.37
CA VAL A 23 17.21 4.70 6.25
C VAL A 23 16.62 4.65 7.66
N ASN A 24 16.60 3.47 8.24
CA ASN A 24 16.22 3.26 9.65
C ASN A 24 17.47 3.36 10.52
N ALA A 25 17.36 4.07 11.64
CA ALA A 25 18.39 4.03 12.70
C ALA A 25 18.15 2.78 13.55
N ALA A 26 18.53 1.62 13.02
CA ALA A 26 18.18 0.27 13.51
C ALA A 26 19.05 -0.15 14.72
N ASN A 27 18.54 -1.15 15.44
CA ASN A 27 19.37 -1.93 16.39
C ASN A 27 19.89 -3.16 15.68
N PRO A 28 20.95 -3.79 16.21
CA PRO A 28 21.53 -4.96 15.54
C PRO A 28 20.62 -6.19 15.45
N ARG A 29 19.56 -6.25 16.26
CA ARG A 29 18.71 -7.46 16.40
C ARG A 29 17.43 -7.37 15.60
N GLY A 30 17.21 -6.27 14.87
CA GLY A 30 15.96 -6.10 14.12
C GLY A 30 14.75 -6.04 15.02
N LEU A 31 14.90 -5.46 16.23
CA LEU A 31 13.77 -5.28 17.17
C LEU A 31 13.11 -3.93 16.91
N PRO A 32 11.81 -3.77 17.26
CA PRO A 32 11.11 -2.50 17.07
C PRO A 32 11.80 -1.27 17.68
N GLY A 33 12.48 -1.42 18.81
CA GLY A 33 13.32 -0.32 19.36
C GLY A 33 12.52 0.87 19.84
N ASP A 34 13.14 2.05 19.84
CA ASP A 34 12.51 3.35 20.21
C ASP A 34 12.85 4.44 19.19
N GLY A 35 12.23 5.60 19.35
CA GLY A 35 12.58 6.78 18.53
C GLY A 35 12.33 6.52 17.06
N VAL A 36 13.27 6.87 16.18
CA VAL A 36 13.17 6.65 14.70
C VAL A 36 12.79 5.18 14.45
N CYS A 37 13.46 4.24 15.10
CA CYS A 37 13.28 2.78 14.84
C CYS A 37 11.81 2.36 15.09
N LYS A 38 11.18 2.83 16.17
CA LYS A 38 9.77 2.48 16.50
C LYS A 38 8.82 3.13 15.46
N ALA A 39 9.11 4.34 14.99
CA ALA A 39 8.25 5.02 13.97
C ALA A 39 8.35 4.20 12.68
N VAL A 40 9.54 3.74 12.38
CA VAL A 40 9.80 2.91 11.15
C VAL A 40 9.08 1.58 11.30
N TYR A 41 9.11 0.96 12.49
CA TYR A 41 8.41 -0.32 12.75
C TYR A 41 6.90 -0.15 12.56
N LYS A 42 6.32 0.94 13.05
CA LYS A 42 4.85 1.18 12.89
C LYS A 42 4.46 1.39 11.42
N LYS A 43 5.33 2.00 10.64
CA LYS A 43 5.01 2.42 9.26
C LYS A 43 5.28 1.27 8.28
N TRP A 44 6.37 0.55 8.46
CA TRP A 44 6.91 -0.49 7.54
C TRP A 44 7.22 -1.77 8.31
N PRO A 45 6.28 -2.38 9.07
CA PRO A 45 6.64 -3.55 9.89
C PRO A 45 7.14 -4.75 9.09
N GLU A 46 6.68 -4.90 7.84
CA GLU A 46 7.09 -6.00 6.94
C GLU A 46 8.61 -5.92 6.68
N SER A 47 9.21 -4.73 6.80
CA SER A 47 10.64 -4.53 6.51
C SER A 47 11.52 -5.11 7.63
N PHE A 48 10.96 -5.59 8.73
CA PHE A 48 11.78 -6.13 9.83
C PHE A 48 11.89 -7.66 9.76
N LYS A 49 11.41 -8.26 8.68
CA LYS A 49 11.74 -9.68 8.38
C LYS A 49 13.23 -9.86 8.07
N ASN A 50 13.97 -10.55 8.95
CA ASN A 50 15.42 -10.85 8.77
C ASN A 50 16.18 -9.53 8.54
N SER A 51 15.87 -8.51 9.32
CA SER A 51 16.61 -7.22 9.25
C SER A 51 17.82 -7.17 10.21
N ALA A 52 17.97 -8.12 11.14
CA ALA A 52 19.13 -8.13 12.06
C ALA A 52 20.43 -8.11 11.24
N THR A 53 21.40 -7.30 11.66
CA THR A 53 22.69 -7.05 10.98
C THR A 53 23.66 -6.44 12.00
N PRO A 54 24.98 -6.63 11.86
CA PRO A 54 25.92 -6.14 12.86
C PRO A 54 26.08 -4.63 12.89
N VAL A 55 26.72 -4.17 13.96
CA VAL A 55 27.09 -2.73 14.07
C VAL A 55 28.00 -2.38 12.89
N GLY A 56 27.81 -1.17 12.32
CA GLY A 56 28.66 -0.68 11.23
C GLY A 56 28.22 -1.16 9.85
N THR A 57 27.07 -1.84 9.75
CA THR A 57 26.50 -2.39 8.49
C THR A 57 25.11 -1.85 8.22
N ALA A 58 24.65 -2.08 6.99
CA ALA A 58 23.29 -1.71 6.56
C ALA A 58 22.74 -2.91 5.81
N LYS A 59 21.48 -3.19 6.04
CA LYS A 59 20.78 -4.31 5.39
C LYS A 59 19.43 -3.79 4.91
N THR A 60 19.12 -3.96 3.62
CA THR A 60 17.88 -3.44 3.02
C THR A 60 16.85 -4.57 2.98
N VAL A 61 15.64 -4.28 3.39
CA VAL A 61 14.46 -5.17 3.27
C VAL A 61 13.33 -4.34 2.69
N MET A 62 12.65 -4.90 1.69
N MET A 62 12.66 -4.91 1.68
CA MET A 62 11.55 -4.22 0.95
CA MET A 62 11.53 -4.26 0.99
C MET A 62 10.25 -4.34 1.74
C MET A 62 10.30 -4.31 1.89
N CYS A 63 9.50 -3.25 1.84
CA CYS A 63 8.11 -3.23 2.32
C CYS A 63 7.27 -2.98 1.08
N GLY A 64 6.68 -4.03 0.48
CA GLY A 64 6.13 -3.89 -0.88
C GLY A 64 7.25 -3.67 -1.85
N THR A 65 7.29 -2.55 -2.55
CA THR A 65 8.43 -2.14 -3.37
C THR A 65 9.20 -0.98 -2.72
N TYR A 66 8.87 -0.62 -1.50
CA TYR A 66 9.52 0.57 -0.85
C TYR A 66 10.72 0.08 -0.04
N PRO A 67 11.99 0.48 -0.36
CA PRO A 67 13.17 -0.05 0.35
C PRO A 67 13.41 0.61 1.71
N VAL A 68 13.59 -0.22 2.74
CA VAL A 68 13.97 0.25 4.10
C VAL A 68 15.40 -0.21 4.32
N ILE A 69 16.34 0.73 4.45
CA ILE A 69 17.78 0.41 4.62
C ILE A 69 18.02 0.46 6.15
N HIS A 70 18.18 -0.68 6.78
CA HIS A 70 18.45 -0.76 8.25
C HIS A 70 19.93 -0.51 8.48
N ALA A 71 20.27 0.65 9.02
CA ALA A 71 21.68 1.07 9.26
C ALA A 71 21.94 1.06 10.77
N VAL A 72 22.92 0.26 11.20
CA VAL A 72 23.20 0.04 12.65
C VAL A 72 24.42 0.86 13.08
N GLY A 73 24.17 2.00 13.69
CA GLY A 73 25.20 2.83 14.28
C GLY A 73 25.58 2.26 15.64
N PRO A 74 26.80 2.54 16.10
CA PRO A 74 27.27 2.10 17.42
C PRO A 74 26.55 2.81 18.57
N ASN A 75 26.39 2.08 19.68
CA ASN A 75 25.91 2.68 20.95
C ASN A 75 27.14 3.15 21.72
N PHE A 76 27.32 4.44 21.84
CA PHE A 76 28.53 5.06 22.44
C PHE A 76 28.55 4.79 23.96
N SER A 77 27.50 4.23 24.53
CA SER A 77 27.58 3.71 25.92
C SER A 77 28.55 2.53 25.98
N ASN A 78 28.68 1.74 24.91
CA ASN A 78 29.44 0.48 24.91
C ASN A 78 30.77 0.59 24.23
N TYR A 79 30.87 1.40 23.17
CA TYR A 79 32.09 1.57 22.35
C TYR A 79 32.94 2.68 23.00
N THR A 80 34.25 2.58 22.83
CA THR A 80 35.21 3.69 23.04
C THR A 80 34.91 4.79 22.01
N GLU A 81 35.22 6.05 22.32
CA GLU A 81 35.07 7.17 21.33
C GLU A 81 35.74 6.79 20.00
N SER A 82 36.91 6.18 20.04
CA SER A 82 37.71 5.81 18.85
C SER A 82 37.00 4.71 18.03
N GLU A 83 36.60 3.63 18.68
CA GLU A 83 36.00 2.48 17.96
C GLU A 83 34.59 2.89 17.48
N GLY A 84 33.87 3.65 18.29
CA GLY A 84 32.52 4.13 17.94
C GLY A 84 32.59 5.01 16.72
N ASP A 85 33.56 5.91 16.68
CA ASP A 85 33.75 6.82 15.52
C ASP A 85 33.94 5.98 14.26
N ARG A 86 34.80 4.95 14.29
CA ARG A 86 35.08 4.06 13.13
C ARG A 86 33.78 3.36 12.68
N GLU A 87 33.01 2.82 13.61
CA GLU A 87 31.79 2.06 13.27
C GLU A 87 30.73 3.02 12.73
N LEU A 88 30.65 4.26 13.25
CA LEU A 88 29.63 5.22 12.79
C LEU A 88 29.94 5.61 11.32
N ALA A 89 31.20 5.94 11.03
CA ALA A 89 31.65 6.18 9.64
C ALA A 89 31.31 4.98 8.74
N ALA A 90 31.57 3.74 9.18
CA ALA A 90 31.34 2.53 8.38
C ALA A 90 29.83 2.38 8.08
N ALA A 91 28.96 2.59 9.07
CA ALA A 91 27.51 2.39 8.84
C ALA A 91 27.08 3.30 7.67
N TYR A 92 27.51 4.57 7.67
CA TYR A 92 27.12 5.49 6.58
C TYR A 92 27.74 5.05 5.24
N ARG A 93 28.99 4.55 5.19
CA ARG A 93 29.54 4.03 3.90
C ARG A 93 28.67 2.88 3.36
N GLU A 94 28.14 2.00 4.24
CA GLU A 94 27.25 0.88 3.80
C GLU A 94 25.92 1.47 3.34
N VAL A 95 25.41 2.57 3.92
CA VAL A 95 24.15 3.20 3.42
C VAL A 95 24.44 3.69 1.99
N ALA A 96 25.56 4.36 1.76
CA ALA A 96 25.84 4.88 0.39
C ALA A 96 25.87 3.74 -0.63
N LYS A 97 26.46 2.59 -0.31
CA LYS A 97 26.46 1.41 -1.22
C LYS A 97 25.03 0.95 -1.52
N GLU A 98 24.17 0.85 -0.51
CA GLU A 98 22.79 0.38 -0.71
C GLU A 98 21.99 1.37 -1.58
N VAL A 99 22.07 2.66 -1.27
CA VAL A 99 21.37 3.73 -2.03
C VAL A 99 21.80 3.59 -3.50
N THR A 100 23.09 3.43 -3.74
CA THR A 100 23.60 3.31 -5.13
C THR A 100 23.02 2.06 -5.78
N ARG A 101 23.09 0.92 -5.08
CA ARG A 101 22.64 -0.39 -5.61
C ARG A 101 21.15 -0.30 -5.98
N LEU A 102 20.33 0.40 -5.20
CA LEU A 102 18.87 0.42 -5.35
C LEU A 102 18.51 1.29 -6.58
N GLY A 103 19.37 2.21 -6.98
CA GLY A 103 19.13 3.10 -8.14
C GLY A 103 18.04 4.12 -7.85
N VAL A 104 17.79 4.42 -6.57
CA VAL A 104 16.86 5.52 -6.17
C VAL A 104 17.41 6.90 -6.55
N ASN A 105 16.50 7.84 -6.79
CA ASN A 105 16.86 9.25 -7.02
C ASN A 105 16.79 10.08 -5.74
N SER A 106 16.32 9.50 -4.63
CA SER A 106 16.17 10.26 -3.35
C SER A 106 16.14 9.27 -2.17
N VAL A 107 16.57 9.73 -1.00
CA VAL A 107 16.67 8.94 0.26
C VAL A 107 16.43 9.88 1.45
N ALA A 108 15.59 9.42 2.40
CA ALA A 108 15.32 10.03 3.72
C ALA A 108 16.31 9.38 4.71
N ILE A 109 17.07 10.19 5.45
N ILE A 109 17.12 10.20 5.40
CA ILE A 109 18.13 9.67 6.36
CA ILE A 109 18.16 9.70 6.36
C ILE A 109 18.13 10.42 7.69
C ILE A 109 18.00 10.43 7.70
N PRO A 110 18.12 9.69 8.84
CA PRO A 110 18.26 10.29 10.17
C PRO A 110 19.74 10.40 10.53
N LEU A 111 20.10 11.18 11.57
CA LEU A 111 21.52 11.21 12.00
C LEU A 111 21.76 10.03 12.95
N LEU A 112 22.54 9.06 12.49
CA LEU A 112 22.82 7.83 13.26
C LEU A 112 23.60 8.18 14.55
N SER A 113 23.27 7.43 15.62
CA SER A 113 23.97 7.46 16.93
C SER A 113 23.83 8.82 17.64
N THR A 114 22.81 9.60 17.35
CA THR A 114 22.62 10.94 17.98
C THR A 114 21.55 10.94 19.07
N GLY A 115 20.77 9.85 19.20
CA GLY A 115 19.69 9.74 20.21
C GLY A 115 20.12 8.85 21.36
N VAL A 116 19.40 7.76 21.63
CA VAL A 116 19.71 6.86 22.78
C VAL A 116 21.05 6.12 22.58
N TYR A 117 21.68 6.14 21.40
CA TYR A 117 23.02 5.54 21.19
C TYR A 117 24.14 6.59 21.31
N SER A 118 23.83 7.83 21.69
CA SER A 118 24.83 8.94 21.73
C SER A 118 25.74 8.86 22.97
N GLY A 119 25.46 7.96 23.92
CA GLY A 119 26.19 7.92 25.21
C GLY A 119 26.14 9.25 25.94
N GLY A 120 25.04 9.99 25.80
CA GLY A 120 24.76 11.27 26.49
C GLY A 120 25.53 12.46 25.94
N LYS A 121 26.07 12.40 24.71
CA LYS A 121 26.87 13.49 24.12
C LYS A 121 26.18 14.02 22.87
N ASP A 122 26.42 15.29 22.56
CA ASP A 122 25.94 15.97 21.34
C ASP A 122 26.84 15.50 20.22
N ARG A 123 26.29 14.71 19.29
CA ARG A 123 27.09 14.16 18.17
C ARG A 123 26.54 14.66 16.82
N LEU A 124 25.84 15.80 16.81
CA LEU A 124 25.27 16.37 15.55
C LEU A 124 26.39 16.43 14.52
N THR A 125 27.48 17.16 14.84
CA THR A 125 28.56 17.47 13.86
C THR A 125 29.24 16.16 13.46
N GLN A 126 29.58 15.32 14.43
CA GLN A 126 30.31 14.05 14.16
C GLN A 126 29.49 13.21 13.17
N SER A 127 28.20 13.03 13.46
CA SER A 127 27.34 12.10 12.68
C SER A 127 27.07 12.72 11.29
N LEU A 128 26.79 14.02 11.23
CA LEU A 128 26.51 14.71 9.95
C LEU A 128 27.75 14.65 9.06
N ASN A 129 28.95 14.86 9.60
CA ASN A 129 30.18 14.87 8.79
C ASN A 129 30.41 13.47 8.24
N HIS A 130 30.10 12.41 8.99
CA HIS A 130 30.24 11.05 8.44
C HIS A 130 29.17 10.80 7.36
N LEU A 131 27.99 11.35 7.52
CA LEU A 131 26.90 11.24 6.51
C LEU A 131 27.45 11.87 5.22
N PHE A 132 27.97 13.09 5.30
CA PHE A 132 28.51 13.80 4.10
C PHE A 132 29.63 12.99 3.48
N THR A 133 30.60 12.49 4.26
CA THR A 133 31.76 11.74 3.69
C THR A 133 31.24 10.59 2.80
N ALA A 134 30.23 9.87 3.27
CA ALA A 134 29.67 8.71 2.57
C ALA A 134 28.84 9.15 1.37
N MET A 135 27.96 10.14 1.54
CA MET A 135 26.89 10.40 0.56
C MET A 135 27.37 11.37 -0.53
N ASP A 136 28.49 12.06 -0.32
CA ASP A 136 28.90 13.13 -1.29
C ASP A 136 29.13 12.55 -2.68
N SER A 137 29.58 11.30 -2.80
CA SER A 137 29.87 10.67 -4.12
C SER A 137 28.63 10.04 -4.73
N THR A 138 27.47 10.04 -4.03
CA THR A 138 26.21 9.52 -4.61
C THR A 138 25.48 10.67 -5.31
N ASP A 139 24.57 10.35 -6.25
CA ASP A 139 23.80 11.39 -6.97
C ASP A 139 22.32 11.35 -6.57
N ALA A 140 21.99 10.73 -5.43
CA ALA A 140 20.62 10.80 -4.91
C ALA A 140 20.38 12.16 -4.21
N ASP A 141 19.17 12.72 -4.31
CA ASP A 141 18.73 13.79 -3.41
C ASP A 141 18.66 13.22 -1.99
N VAL A 142 19.36 13.86 -1.04
CA VAL A 142 19.41 13.42 0.37
C VAL A 142 18.57 14.38 1.20
N VAL A 143 17.61 13.85 1.93
CA VAL A 143 16.79 14.66 2.86
C VAL A 143 16.99 14.12 4.27
N ILE A 144 17.61 14.94 5.12
CA ILE A 144 17.98 14.58 6.52
C ILE A 144 16.77 14.91 7.39
N TYR A 145 16.31 13.99 8.24
CA TYR A 145 15.14 14.21 9.14
C TYR A 145 15.67 14.41 10.57
N CYS A 146 15.15 15.40 11.29
CA CYS A 146 15.46 15.65 12.71
C CYS A 146 14.17 16.03 13.46
N ARG A 147 14.21 16.14 14.79
CA ARG A 147 13.00 16.50 15.59
C ARG A 147 13.20 17.80 16.38
N ASP A 148 14.44 18.19 16.63
CA ASP A 148 14.77 19.36 17.51
C ASP A 148 14.92 20.63 16.67
N LYS A 149 14.30 21.75 17.08
CA LYS A 149 14.35 23.06 16.38
C LYS A 149 15.79 23.60 16.23
N GLU A 150 16.63 23.50 17.26
CA GLU A 150 18.03 23.99 17.21
C GLU A 150 18.90 23.12 16.28
N TRP A 151 18.68 21.80 16.31
CA TRP A 151 19.35 20.85 15.38
C TRP A 151 19.00 21.19 13.92
N GLU A 152 17.74 21.50 13.62
CA GLU A 152 17.31 21.85 12.25
C GLU A 152 18.18 23.03 11.77
N LYS A 153 18.29 24.07 12.60
CA LYS A 153 19.06 25.29 12.25
C LYS A 153 20.53 24.91 12.00
N LYS A 154 21.16 24.14 12.88
CA LYS A 154 22.59 23.77 12.76
C LYS A 154 22.83 22.88 11.54
N ILE A 155 21.93 21.94 11.28
CA ILE A 155 22.08 21.07 10.07
C ILE A 155 21.93 21.94 8.81
N SER A 156 20.96 22.85 8.79
CA SER A 156 20.70 23.72 7.63
C SER A 156 21.94 24.58 7.37
N GLU A 157 22.49 25.14 8.44
CA GLU A 157 23.71 26.00 8.34
C GLU A 157 24.88 25.18 7.75
N ALA A 158 25.12 23.95 8.21
CA ALA A 158 26.23 23.09 7.75
C ALA A 158 26.04 22.78 6.27
N ILE A 159 24.80 22.53 5.85
CA ILE A 159 24.54 22.25 4.40
C ILE A 159 24.88 23.52 3.60
N GLN A 160 24.35 24.67 4.02
CA GLN A 160 24.45 25.94 3.27
C GLN A 160 25.92 26.37 3.19
N MET A 161 26.71 26.11 4.25
CA MET A 161 28.16 26.46 4.36
C MET A 161 28.96 25.93 3.18
N ARG A 162 28.69 24.70 2.73
CA ARG A 162 29.44 24.05 1.62
C ARG A 162 28.89 24.59 0.27
N THR A 163 27.74 25.28 0.33
CA THR A 163 27.12 26.24 -0.65
C THR A 163 25.68 25.78 -0.89
N GLY B 1 -5.88 30.62 -14.91
CA GLY B 1 -7.30 30.26 -14.59
C GLY B 1 -7.71 28.95 -15.24
N ALA B 2 -8.76 28.33 -14.69
CA ALA B 2 -9.47 27.18 -15.31
C ALA B 2 -10.15 27.69 -16.58
N MET B 3 -10.28 26.87 -17.63
CA MET B 3 -10.78 27.37 -18.96
C MET B 3 -12.25 27.79 -18.83
N ALA B 4 -13.00 27.08 -17.99
CA ALA B 4 -14.37 27.42 -17.58
C ALA B 4 -14.45 27.25 -16.07
N PRO B 5 -14.07 28.30 -15.29
CA PRO B 5 -14.07 28.20 -13.84
C PRO B 5 -15.35 27.54 -13.30
N SER B 6 -15.20 26.57 -12.40
CA SER B 6 -16.33 25.78 -11.85
C SER B 6 -16.18 25.66 -10.33
N TYR B 7 -17.28 25.29 -9.71
CA TYR B 7 -17.36 24.69 -8.37
C TYR B 7 -17.75 23.21 -8.47
N ARG B 8 -17.10 22.36 -7.67
CA ARG B 8 -17.39 20.91 -7.54
C ARG B 8 -17.31 20.53 -6.06
N VAL B 9 -18.02 19.47 -5.66
CA VAL B 9 -17.93 18.91 -4.27
C VAL B 9 -17.47 17.44 -4.32
N LYS B 10 -16.63 17.03 -3.37
CA LYS B 10 -16.13 15.64 -3.21
C LYS B 10 -16.25 15.27 -1.74
N ARG B 11 -16.80 14.09 -1.46
CA ARG B 11 -16.98 13.56 -0.09
C ARG B 11 -15.81 12.62 0.20
N MET B 12 -14.68 13.15 0.70
CA MET B 12 -13.46 12.37 0.99
C MET B 12 -12.48 13.22 1.78
N ASP B 13 -11.42 12.55 2.26
CA ASP B 13 -10.21 13.15 2.90
C ASP B 13 -9.64 14.18 1.93
N ILE B 14 -9.41 15.40 2.42
CA ILE B 14 -8.91 16.56 1.63
C ILE B 14 -7.39 16.41 1.50
N ALA B 15 -6.77 15.58 2.36
CA ALA B 15 -5.31 15.27 2.25
C ALA B 15 -5.02 14.48 0.94
N LYS B 16 -6.02 13.85 0.34
CA LYS B 16 -5.93 13.12 -0.95
C LYS B 16 -6.36 13.95 -2.15
N ASN B 17 -6.53 15.28 -1.99
CA ASN B 17 -7.01 16.18 -3.07
C ASN B 17 -6.09 16.09 -4.29
N ASP B 18 -6.66 16.29 -5.48
CA ASP B 18 -5.97 16.26 -6.80
C ASP B 18 -5.66 17.68 -7.27
N GLU B 19 -5.92 18.70 -6.44
CA GLU B 19 -5.86 20.11 -6.85
C GLU B 19 -4.47 20.70 -6.61
N GLU B 20 -4.24 21.90 -7.12
CA GLU B 20 -2.88 22.52 -7.15
C GLU B 20 -2.55 23.16 -5.80
N CYS B 21 -3.51 23.22 -4.87
CA CYS B 21 -3.26 23.67 -3.48
C CYS B 21 -4.43 23.28 -2.59
N VAL B 22 -4.21 23.40 -1.27
CA VAL B 22 -5.17 22.94 -0.23
C VAL B 22 -5.37 24.09 0.76
N VAL B 23 -6.61 24.23 1.20
CA VAL B 23 -6.96 25.11 2.35
C VAL B 23 -7.15 24.21 3.57
N ASN B 24 -6.36 24.49 4.59
CA ASN B 24 -6.47 23.85 5.91
C ASN B 24 -7.49 24.66 6.75
N ALA B 25 -8.39 23.99 7.45
CA ALA B 25 -9.24 24.62 8.48
C ALA B 25 -8.39 24.64 9.75
N ALA B 26 -7.56 25.66 9.84
CA ALA B 26 -6.46 25.77 10.84
C ALA B 26 -6.98 26.32 12.18
N ASN B 27 -6.18 26.09 13.23
CA ASN B 27 -6.32 26.86 14.49
C ASN B 27 -5.31 28.01 14.46
N PRO B 28 -5.46 29.03 15.30
CA PRO B 28 -4.56 30.19 15.29
C PRO B 28 -3.09 29.93 15.66
N ARG B 29 -2.79 28.79 16.30
CA ARG B 29 -1.47 28.56 16.91
C ARG B 29 -0.65 27.61 16.05
N GLY B 30 -1.20 27.15 14.93
CA GLY B 30 -0.53 26.16 14.04
C GLY B 30 -0.30 24.83 14.74
N LEU B 31 -1.28 24.40 15.53
CA LEU B 31 -1.26 23.10 16.21
C LEU B 31 -1.97 22.09 15.35
N PRO B 32 -1.67 20.78 15.52
CA PRO B 32 -2.37 19.69 14.80
C PRO B 32 -3.91 19.58 14.75
N GLY B 33 -4.61 19.84 15.84
CA GLY B 33 -6.07 20.05 15.79
C GLY B 33 -6.90 18.81 15.49
N ASP B 34 -8.13 19.00 15.01
CA ASP B 34 -9.12 17.92 14.77
C ASP B 34 -9.61 17.98 13.32
N GLY B 35 -10.33 16.95 12.90
CA GLY B 35 -10.98 16.90 11.58
C GLY B 35 -9.99 17.16 10.47
N VAL B 36 -10.33 18.07 9.55
CA VAL B 36 -9.48 18.46 8.39
C VAL B 36 -8.05 18.76 8.84
N CYS B 37 -7.88 19.55 9.91
CA CYS B 37 -6.55 19.99 10.36
C CYS B 37 -5.71 18.75 10.68
N LYS B 38 -6.31 17.77 11.35
CA LYS B 38 -5.56 16.54 11.74
C LYS B 38 -5.10 15.83 10.45
N ALA B 39 -5.98 15.74 9.47
CA ALA B 39 -5.68 15.08 8.17
C ALA B 39 -4.56 15.82 7.43
N VAL B 40 -4.52 17.16 7.51
CA VAL B 40 -3.47 18.00 6.87
C VAL B 40 -2.15 17.90 7.62
N TYR B 41 -2.18 17.80 8.95
CA TYR B 41 -0.94 17.65 9.74
C TYR B 41 -0.29 16.29 9.48
N LYS B 42 -1.10 15.28 9.19
CA LYS B 42 -0.64 13.89 8.91
C LYS B 42 0.31 13.93 7.71
N LYS B 43 -0.06 14.69 6.66
CA LYS B 43 0.69 14.70 5.38
C LYS B 43 1.73 15.83 5.30
N TRP B 44 1.37 17.04 5.76
CA TRP B 44 2.16 18.28 5.56
C TRP B 44 2.53 18.92 6.89
N PRO B 45 3.13 18.15 7.83
CA PRO B 45 3.46 18.73 9.12
C PRO B 45 4.46 19.86 8.99
N GLU B 46 5.41 19.76 8.04
CA GLU B 46 6.41 20.86 7.86
C GLU B 46 5.70 22.11 7.31
N SER B 47 4.47 21.97 6.81
CA SER B 47 3.61 23.14 6.46
C SER B 47 3.12 23.86 7.72
N PHE B 48 3.29 23.30 8.92
CA PHE B 48 2.91 23.99 10.18
C PHE B 48 4.08 24.81 10.70
N LYS B 49 5.24 24.84 10.03
CA LYS B 49 6.36 25.68 10.48
C LYS B 49 5.94 27.15 10.36
N ASN B 50 5.81 27.81 11.50
CA ASN B 50 5.48 29.26 11.59
C ASN B 50 4.14 29.53 10.88
N SER B 51 3.19 28.59 10.96
CA SER B 51 1.84 28.78 10.34
C SER B 51 0.87 29.56 11.26
N ALA B 52 1.24 29.87 12.51
CA ALA B 52 0.33 30.56 13.47
C ALA B 52 -0.08 31.90 12.87
N THR B 53 -1.36 32.25 12.96
CA THR B 53 -1.93 33.46 12.31
C THR B 53 -3.28 33.73 12.99
N PRO B 54 -3.72 35.00 13.09
CA PRO B 54 -4.94 35.35 13.79
C PRO B 54 -6.21 34.79 13.15
N VAL B 55 -7.26 34.74 13.96
CA VAL B 55 -8.63 34.43 13.46
C VAL B 55 -8.96 35.45 12.37
N GLY B 56 -9.57 34.97 11.30
CA GLY B 56 -10.03 35.79 10.17
C GLY B 56 -8.96 36.02 9.13
N THR B 57 -7.83 35.29 9.22
CA THR B 57 -6.70 35.42 8.28
C THR B 57 -6.31 34.07 7.68
N ALA B 58 -5.53 34.14 6.63
CA ALA B 58 -4.94 32.95 5.97
C ALA B 58 -3.43 33.17 5.84
N LYS B 59 -2.66 32.12 6.09
CA LYS B 59 -1.18 32.14 5.98
C LYS B 59 -0.73 30.93 5.20
N THR B 60 0.02 31.12 4.09
CA THR B 60 0.37 30.00 3.17
C THR B 60 1.80 29.58 3.50
N VAL B 61 1.99 28.28 3.63
CA VAL B 61 3.33 27.67 3.83
C VAL B 61 3.53 26.68 2.69
N MET B 62 4.63 26.90 1.97
CA MET B 62 5.04 26.09 0.81
C MET B 62 5.75 24.84 1.34
N CYS B 63 5.24 23.69 0.92
CA CYS B 63 5.95 22.40 0.97
C CYS B 63 6.52 22.14 -0.44
N GLY B 64 7.74 22.60 -0.70
CA GLY B 64 8.33 22.53 -2.04
C GLY B 64 7.56 23.44 -2.96
N THR B 65 6.83 22.89 -3.94
CA THR B 65 6.02 23.70 -4.88
C THR B 65 4.56 23.76 -4.44
N TYR B 66 4.16 22.94 -3.46
CA TYR B 66 2.74 22.72 -3.08
C TYR B 66 2.33 23.67 -1.96
N PRO B 67 1.37 24.62 -2.20
CA PRO B 67 0.92 25.55 -1.15
C PRO B 67 -0.19 24.98 -0.25
N VAL B 68 0.04 25.13 1.06
CA VAL B 68 -0.97 24.84 2.12
C VAL B 68 -1.37 26.20 2.67
N ILE B 69 -2.64 26.54 2.46
CA ILE B 69 -3.22 27.84 2.88
C ILE B 69 -3.94 27.63 4.22
N HIS B 70 -3.32 28.04 5.31
CA HIS B 70 -3.91 27.85 6.66
C HIS B 70 -4.94 28.97 6.87
N ALA B 71 -6.23 28.62 6.84
CA ALA B 71 -7.32 29.61 7.00
C ALA B 71 -7.94 29.42 8.39
N VAL B 72 -7.94 30.49 9.19
CA VAL B 72 -8.39 30.41 10.61
C VAL B 72 -9.83 30.96 10.70
N GLY B 73 -10.80 30.08 10.72
CA GLY B 73 -12.18 30.47 11.02
C GLY B 73 -12.40 30.60 12.52
N PRO B 74 -13.42 31.37 12.94
CA PRO B 74 -13.69 31.61 14.36
C PRO B 74 -14.25 30.34 14.99
N ASN B 75 -13.96 30.17 16.29
CA ASN B 75 -14.64 29.17 17.16
C ASN B 75 -15.89 29.83 17.73
N PHE B 76 -17.05 29.39 17.28
CA PHE B 76 -18.35 29.97 17.72
C PHE B 76 -18.66 29.57 19.18
N SER B 77 -17.87 28.72 19.84
CA SER B 77 -17.95 28.56 21.32
C SER B 77 -17.48 29.86 22.00
N ASN B 78 -16.61 30.63 21.35
CA ASN B 78 -15.93 31.81 21.93
C ASN B 78 -16.43 33.13 21.36
N TYR B 79 -16.73 33.17 20.07
CA TYR B 79 -17.22 34.41 19.38
C TYR B 79 -18.75 34.45 19.51
N THR B 80 -19.32 35.65 19.57
CA THR B 80 -20.75 35.87 19.35
C THR B 80 -21.14 35.54 17.90
N GLU B 81 -22.41 35.32 17.65
CA GLU B 81 -22.91 35.09 16.27
C GLU B 81 -22.47 36.28 15.40
N SER B 82 -22.58 37.52 15.91
CA SER B 82 -22.24 38.73 15.11
C SER B 82 -20.73 38.75 14.79
N GLU B 83 -19.89 38.62 15.80
CA GLU B 83 -18.43 38.78 15.61
C GLU B 83 -17.89 37.58 14.81
N GLY B 84 -18.42 36.40 15.07
CA GLY B 84 -18.08 35.15 14.36
C GLY B 84 -18.43 35.26 12.89
N ASP B 85 -19.60 35.80 12.56
CA ASP B 85 -20.03 35.88 11.14
C ASP B 85 -19.03 36.75 10.38
N ARG B 86 -18.54 37.82 11.01
CA ARG B 86 -17.63 38.76 10.34
C ARG B 86 -16.27 38.07 10.14
N GLU B 87 -15.76 37.38 11.16
CA GLU B 87 -14.43 36.73 11.09
C GLU B 87 -14.49 35.57 10.09
N LEU B 88 -15.62 34.88 9.97
CA LEU B 88 -15.74 33.74 9.03
C LEU B 88 -15.70 34.29 7.60
N ALA B 89 -16.44 35.36 7.32
CA ALA B 89 -16.39 36.04 6.01
C ALA B 89 -14.94 36.46 5.69
N ALA B 90 -14.23 37.02 6.67
CA ALA B 90 -12.86 37.55 6.52
C ALA B 90 -11.89 36.43 6.15
N ALA B 91 -11.97 35.28 6.83
CA ALA B 91 -11.05 34.15 6.58
C ALA B 91 -11.19 33.78 5.11
N TYR B 92 -12.42 33.66 4.62
CA TYR B 92 -12.61 33.24 3.21
C TYR B 92 -12.12 34.35 2.26
N ARG B 93 -12.34 35.64 2.58
CA ARG B 93 -11.79 36.72 1.71
C ARG B 93 -10.25 36.59 1.61
N GLU B 94 -9.57 36.24 2.71
N GLU B 94 -9.58 36.23 2.70
CA GLU B 94 -8.08 36.05 2.71
CA GLU B 94 -8.10 36.07 2.71
C GLU B 94 -7.71 34.82 1.88
C GLU B 94 -7.70 34.82 1.90
N VAL B 95 -8.53 33.77 1.91
CA VAL B 95 -8.31 32.56 1.06
C VAL B 95 -8.36 32.99 -0.44
N ALA B 96 -9.35 33.76 -0.85
CA ALA B 96 -9.47 34.22 -2.26
C ALA B 96 -8.22 35.00 -2.68
N LYS B 97 -7.74 35.92 -1.84
CA LYS B 97 -6.51 36.73 -2.11
C LYS B 97 -5.33 35.78 -2.30
N GLU B 98 -5.19 34.77 -1.47
CA GLU B 98 -4.02 33.86 -1.53
C GLU B 98 -4.10 33.01 -2.80
N VAL B 99 -5.25 32.42 -3.08
CA VAL B 99 -5.47 31.60 -4.30
C VAL B 99 -5.13 32.46 -5.51
N THR B 100 -5.51 33.72 -5.50
CA THR B 100 -5.23 34.65 -6.65
C THR B 100 -3.72 34.88 -6.72
N ARG B 101 -3.10 35.21 -5.60
CA ARG B 101 -1.63 35.49 -5.54
C ARG B 101 -0.84 34.28 -6.04
N LEU B 102 -1.27 33.07 -5.72
CA LEU B 102 -0.48 31.84 -6.00
C LEU B 102 -0.57 31.50 -7.49
N GLY B 103 -1.59 32.00 -8.19
CA GLY B 103 -1.78 31.72 -9.63
C GLY B 103 -2.14 30.28 -9.92
N VAL B 104 -2.62 29.54 -8.92
CA VAL B 104 -3.14 28.16 -9.12
C VAL B 104 -4.37 28.23 -10.02
N ASN B 105 -4.65 27.11 -10.69
CA ASN B 105 -5.84 26.91 -11.55
C ASN B 105 -6.89 26.08 -10.81
N SER B 106 -6.54 25.54 -9.63
CA SER B 106 -7.49 24.76 -8.80
C SER B 106 -7.09 24.86 -7.32
N VAL B 107 -8.07 24.61 -6.45
CA VAL B 107 -7.93 24.66 -4.97
C VAL B 107 -8.97 23.73 -4.34
N ALA B 108 -8.54 22.97 -3.33
CA ALA B 108 -9.38 22.11 -2.47
C ALA B 108 -9.66 22.92 -1.20
N ILE B 109 -10.93 23.09 -0.85
N ILE B 109 -10.94 23.11 -0.87
CA ILE B 109 -11.32 23.96 0.30
CA ILE B 109 -11.43 23.98 0.24
C ILE B 109 -12.39 23.24 1.14
C ILE B 109 -12.38 23.19 1.13
N PRO B 110 -12.22 23.19 2.48
CA PRO B 110 -13.23 22.63 3.37
C PRO B 110 -14.17 23.75 3.81
N LEU B 111 -15.29 23.43 4.47
CA LEU B 111 -16.22 24.44 5.04
C LEU B 111 -15.72 24.85 6.43
N LEU B 112 -15.17 26.05 6.51
CA LEU B 112 -14.63 26.63 7.75
C LEU B 112 -15.74 26.76 8.81
N SER B 113 -15.35 26.46 10.05
CA SER B 113 -16.16 26.63 11.29
C SER B 113 -17.38 25.69 11.30
N THR B 114 -17.37 24.58 10.56
CA THR B 114 -18.56 23.68 10.53
C THR B 114 -18.32 22.45 11.41
N GLY B 115 -17.09 22.21 11.88
CA GLY B 115 -16.78 21.07 12.77
C GLY B 115 -16.76 21.48 14.24
N VAL B 116 -15.65 21.21 14.92
CA VAL B 116 -15.51 21.49 16.39
C VAL B 116 -15.68 23.00 16.62
N TYR B 117 -15.40 23.87 15.64
CA TYR B 117 -15.57 25.36 15.81
C TYR B 117 -17.03 25.82 15.58
N SER B 118 -18.00 24.93 15.34
CA SER B 118 -19.40 25.28 15.01
C SER B 118 -20.22 25.74 16.24
N GLY B 119 -19.72 25.49 17.45
CA GLY B 119 -20.46 25.86 18.67
C GLY B 119 -21.74 25.04 18.78
N GLY B 120 -21.73 23.82 18.22
CA GLY B 120 -22.87 22.90 18.25
C GLY B 120 -24.00 23.24 17.30
N LYS B 121 -23.77 24.11 16.30
CA LYS B 121 -24.83 24.56 15.35
C LYS B 121 -24.48 24.05 13.94
N ASP B 122 -25.50 23.74 13.15
CA ASP B 122 -25.37 23.38 11.71
C ASP B 122 -25.06 24.66 10.93
N ARG B 123 -23.82 24.79 10.42
CA ARG B 123 -23.35 26.05 9.76
C ARG B 123 -23.05 25.79 8.27
N LEU B 124 -23.63 24.76 7.66
CA LEU B 124 -23.34 24.45 6.23
C LEU B 124 -23.69 25.68 5.38
N THR B 125 -24.92 26.19 5.47
CA THR B 125 -25.42 27.28 4.61
C THR B 125 -24.59 28.55 4.85
N GLN B 126 -24.39 28.91 6.11
CA GLN B 126 -23.59 30.10 6.49
C GLN B 126 -22.18 30.01 5.89
N SER B 127 -21.48 28.90 6.12
CA SER B 127 -20.08 28.75 5.72
C SER B 127 -20.03 28.72 4.18
N LEU B 128 -20.95 28.01 3.54
CA LEU B 128 -20.94 27.89 2.06
C LEU B 128 -21.20 29.27 1.44
N ASN B 129 -22.08 30.05 2.05
CA ASN B 129 -22.44 31.41 1.57
C ASN B 129 -21.18 32.29 1.58
N HIS B 130 -20.42 32.26 2.69
CA HIS B 130 -19.18 33.06 2.79
C HIS B 130 -18.11 32.55 1.80
N LEU B 131 -18.05 31.24 1.56
CA LEU B 131 -17.11 30.64 0.59
C LEU B 131 -17.44 31.21 -0.80
N PHE B 132 -18.70 31.15 -1.22
CA PHE B 132 -19.13 31.69 -2.53
C PHE B 132 -18.82 33.21 -2.60
N THR B 133 -19.18 33.98 -1.58
CA THR B 133 -19.01 35.46 -1.62
C THR B 133 -17.55 35.79 -1.94
N ALA B 134 -16.63 35.03 -1.36
CA ALA B 134 -15.19 35.26 -1.53
C ALA B 134 -14.72 34.69 -2.87
N MET B 135 -15.09 33.47 -3.20
CA MET B 135 -14.42 32.70 -4.28
C MET B 135 -15.08 33.06 -5.62
N ASP B 136 -16.26 33.67 -5.65
CA ASP B 136 -17.02 33.88 -6.92
C ASP B 136 -16.16 34.68 -7.92
N SER B 137 -15.42 35.68 -7.44
CA SER B 137 -14.64 36.58 -8.33
C SER B 137 -13.28 35.99 -8.74
N THR B 138 -12.88 34.81 -8.25
CA THR B 138 -11.64 34.10 -8.64
C THR B 138 -11.93 33.18 -9.83
N ASP B 139 -10.92 32.85 -10.63
CA ASP B 139 -11.10 31.95 -11.81
C ASP B 139 -10.51 30.57 -11.58
N ALA B 140 -10.09 30.21 -10.36
CA ALA B 140 -9.60 28.85 -10.07
C ALA B 140 -10.79 27.88 -10.04
N ASP B 141 -10.59 26.63 -10.47
CA ASP B 141 -11.53 25.55 -10.17
C ASP B 141 -11.53 25.32 -8.67
N VAL B 142 -12.71 25.41 -8.06
CA VAL B 142 -12.87 25.19 -6.60
C VAL B 142 -13.51 23.82 -6.38
N VAL B 143 -12.83 23.02 -5.55
CA VAL B 143 -13.32 21.69 -5.12
C VAL B 143 -13.52 21.77 -3.61
N ILE B 144 -14.78 21.69 -3.22
CA ILE B 144 -15.25 21.71 -1.80
C ILE B 144 -15.24 20.29 -1.27
N TYR B 145 -14.53 20.05 -0.18
CA TYR B 145 -14.48 18.72 0.47
C TYR B 145 -15.40 18.69 1.69
N CYS B 146 -16.22 17.64 1.81
CA CYS B 146 -17.15 17.39 2.95
C CYS B 146 -17.16 15.90 3.30
N ARG B 147 -17.52 15.54 4.55
N ARG B 147 -17.52 15.53 4.53
CA ARG B 147 -17.38 14.15 5.08
CA ARG B 147 -17.37 14.14 5.06
C ARG B 147 -18.74 13.45 5.03
C ARG B 147 -18.72 13.44 5.14
N ASP B 148 -19.81 14.20 5.28
CA ASP B 148 -21.19 13.67 5.52
C ASP B 148 -21.91 13.55 4.17
N LYS B 149 -22.60 12.42 3.95
CA LYS B 149 -23.37 12.18 2.69
C LYS B 149 -24.53 13.17 2.52
N GLU B 150 -25.22 13.54 3.60
CA GLU B 150 -26.31 14.56 3.54
C GLU B 150 -25.71 15.94 3.18
N TRP B 151 -24.57 16.26 3.76
CA TRP B 151 -23.86 17.55 3.46
C TRP B 151 -23.42 17.60 1.99
N GLU B 152 -22.83 16.52 1.47
CA GLU B 152 -22.46 16.43 0.03
C GLU B 152 -23.68 16.76 -0.83
N LYS B 153 -24.84 16.19 -0.54
CA LYS B 153 -26.08 16.43 -1.33
C LYS B 153 -26.48 17.92 -1.26
N LYS B 154 -26.47 18.53 -0.08
CA LYS B 154 -26.91 19.95 0.05
C LYS B 154 -25.88 20.88 -0.62
N ILE B 155 -24.58 20.58 -0.54
CA ILE B 155 -23.51 21.43 -1.17
C ILE B 155 -23.68 21.31 -2.70
N SER B 156 -23.76 20.08 -3.18
CA SER B 156 -24.00 19.78 -4.62
C SER B 156 -25.24 20.55 -5.09
N GLU B 157 -26.31 20.53 -4.30
CA GLU B 157 -27.60 21.14 -4.70
C GLU B 157 -27.43 22.66 -4.81
N ALA B 158 -26.80 23.26 -3.79
CA ALA B 158 -26.53 24.71 -3.74
C ALA B 158 -25.69 25.10 -4.98
N ILE B 159 -24.70 24.30 -5.39
CA ILE B 159 -23.84 24.62 -6.58
C ILE B 159 -24.71 24.66 -7.85
N GLN B 160 -25.47 23.58 -8.09
CA GLN B 160 -26.29 23.36 -9.32
C GLN B 160 -27.37 24.44 -9.45
N MET B 161 -27.87 24.93 -8.32
CA MET B 161 -29.01 25.88 -8.26
C MET B 161 -28.62 27.23 -8.86
N ARG B 162 -27.33 27.59 -8.92
CA ARG B 162 -26.90 28.98 -9.23
C ARG B 162 -26.66 29.16 -10.72
N THR B 163 -26.59 28.04 -11.45
CA THR B 163 -26.15 27.92 -12.87
C THR B 163 -27.35 27.50 -13.72
N GLY C 1 -13.15 -21.67 -12.30
CA GLY C 1 -11.69 -21.38 -12.63
C GLY C 1 -11.29 -21.78 -14.05
N ALA C 2 -10.27 -21.14 -14.62
CA ALA C 2 -9.63 -21.58 -15.88
C ALA C 2 -8.97 -22.92 -15.61
N MET C 3 -8.97 -23.84 -16.58
CA MET C 3 -8.39 -25.20 -16.37
C MET C 3 -6.89 -25.10 -16.10
N ALA C 4 -6.20 -24.13 -16.68
CA ALA C 4 -4.76 -23.90 -16.50
C ALA C 4 -4.56 -22.39 -16.42
N PRO C 5 -4.83 -21.77 -15.25
CA PRO C 5 -4.81 -20.31 -15.11
C PRO C 5 -3.53 -19.72 -15.68
N SER C 6 -3.64 -18.67 -16.47
CA SER C 6 -2.50 -18.04 -17.19
C SER C 6 -2.50 -16.52 -17.05
N TYR C 7 -1.36 -15.91 -17.38
CA TYR C 7 -1.22 -14.49 -17.69
C TYR C 7 -0.93 -14.30 -19.18
N ARG C 8 -1.53 -13.29 -19.79
CA ARG C 8 -1.25 -12.87 -21.18
C ARG C 8 -1.21 -11.35 -21.20
N VAL C 9 -0.57 -10.77 -22.21
CA VAL C 9 -0.63 -9.30 -22.44
C VAL C 9 -1.08 -9.04 -23.89
N LYS C 10 -1.89 -8.00 -24.04
CA LYS C 10 -2.35 -7.52 -25.37
C LYS C 10 -2.12 -6.01 -25.47
N ARG C 11 -1.59 -5.58 -26.63
CA ARG C 11 -1.52 -4.16 -27.02
C ARG C 11 -2.79 -3.78 -27.80
N MET C 12 -3.82 -3.27 -27.11
CA MET C 12 -5.20 -3.20 -27.62
C MET C 12 -6.08 -2.40 -26.66
N ASP C 13 -7.11 -1.75 -27.17
CA ASP C 13 -8.13 -0.99 -26.40
C ASP C 13 -8.82 -1.96 -25.43
N ILE C 14 -8.75 -1.71 -24.12
CA ILE C 14 -9.33 -2.65 -23.13
C ILE C 14 -10.85 -2.63 -23.28
N ALA C 15 -11.40 -1.59 -23.90
CA ALA C 15 -12.85 -1.49 -24.11
C ALA C 15 -13.36 -2.52 -25.12
N LYS C 16 -12.44 -3.17 -25.83
N LYS C 16 -12.47 -3.16 -25.87
CA LYS C 16 -12.73 -4.21 -26.85
CA LYS C 16 -12.82 -4.24 -26.84
C LYS C 16 -12.20 -5.58 -26.38
C LYS C 16 -12.20 -5.57 -26.38
N ASN C 17 -12.03 -5.76 -25.07
CA ASN C 17 -11.50 -7.03 -24.51
C ASN C 17 -12.40 -8.25 -24.83
N ASP C 18 -11.82 -9.43 -24.72
CA ASP C 18 -12.44 -10.76 -24.95
C ASP C 18 -12.57 -11.57 -23.65
N GLU C 19 -12.65 -10.90 -22.52
CA GLU C 19 -12.77 -11.55 -21.19
C GLU C 19 -14.16 -11.39 -20.57
N GLU C 20 -14.38 -12.11 -19.47
CA GLU C 20 -15.72 -12.17 -18.81
C GLU C 20 -16.01 -10.94 -17.94
N CYS C 21 -15.01 -10.14 -17.62
CA CYS C 21 -15.17 -8.87 -16.88
C CYS C 21 -14.00 -7.94 -17.13
N VAL C 22 -14.13 -6.67 -16.75
CA VAL C 22 -13.06 -5.66 -17.00
C VAL C 22 -12.75 -4.96 -15.68
N VAL C 23 -11.48 -4.60 -15.51
CA VAL C 23 -11.05 -3.67 -14.44
C VAL C 23 -10.90 -2.29 -15.06
N ASN C 24 -11.58 -1.31 -14.46
CA ASN C 24 -11.44 0.11 -14.84
C ASN C 24 -10.39 0.77 -13.95
N ALA C 25 -9.48 1.53 -14.53
CA ALA C 25 -8.55 2.38 -13.75
C ALA C 25 -9.32 3.64 -13.38
N ALA C 26 -10.07 3.54 -12.30
CA ALA C 26 -11.13 4.47 -11.86
C ALA C 26 -10.54 5.63 -11.04
N ASN C 27 -11.36 6.67 -10.85
CA ASN C 27 -11.05 7.81 -9.96
C ASN C 27 -12.02 7.71 -8.79
N PRO C 28 -11.66 8.23 -7.60
CA PRO C 28 -12.52 8.01 -6.43
C PRO C 28 -13.94 8.59 -6.56
N ARG C 29 -14.16 9.49 -7.50
CA ARG C 29 -15.48 10.19 -7.65
C ARG C 29 -16.42 9.41 -8.57
N GLY C 30 -15.92 8.46 -9.36
CA GLY C 30 -16.78 7.72 -10.29
C GLY C 30 -17.09 8.54 -11.51
N LEU C 31 -16.17 9.43 -11.93
CA LEU C 31 -16.28 10.30 -13.13
C LEU C 31 -15.65 9.62 -14.35
N PRO C 32 -16.13 9.98 -15.56
CA PRO C 32 -15.52 9.54 -16.82
C PRO C 32 -13.99 9.56 -16.91
N GLY C 33 -13.33 10.55 -16.31
CA GLY C 33 -11.86 10.63 -16.28
C GLY C 33 -11.24 10.67 -17.67
N ASP C 34 -10.05 10.08 -17.83
CA ASP C 34 -9.29 10.03 -19.12
C ASP C 34 -8.62 8.66 -19.23
N GLY C 35 -7.86 8.44 -20.31
CA GLY C 35 -7.15 7.17 -20.54
C GLY C 35 -8.14 6.00 -20.61
N VAL C 36 -7.77 4.88 -19.99
CA VAL C 36 -8.61 3.63 -19.84
C VAL C 36 -10.01 4.04 -19.34
N CYS C 37 -10.07 4.92 -18.35
CA CYS C 37 -11.33 5.34 -17.66
C CYS C 37 -12.33 5.99 -18.64
N LYS C 38 -11.87 6.82 -19.59
CA LYS C 38 -12.75 7.43 -20.64
C LYS C 38 -13.27 6.36 -21.63
N ALA C 39 -12.41 5.48 -22.12
CA ALA C 39 -12.77 4.36 -23.02
C ALA C 39 -13.83 3.47 -22.36
N VAL C 40 -13.66 3.19 -21.06
CA VAL C 40 -14.56 2.34 -20.23
C VAL C 40 -15.92 3.05 -20.13
N TYR C 41 -15.89 4.36 -19.86
CA TYR C 41 -17.12 5.18 -19.74
C TYR C 41 -17.92 5.12 -21.05
N LYS C 42 -17.26 5.21 -22.19
CA LYS C 42 -17.93 5.23 -23.52
C LYS C 42 -18.52 3.83 -23.81
N LYS C 43 -17.81 2.75 -23.43
CA LYS C 43 -18.30 1.36 -23.68
C LYS C 43 -19.39 0.95 -22.68
N TRP C 44 -19.23 1.30 -21.40
CA TRP C 44 -20.11 0.77 -20.32
C TRP C 44 -20.59 1.90 -19.42
N PRO C 45 -21.24 2.95 -19.97
CA PRO C 45 -21.64 4.12 -19.17
C PRO C 45 -22.53 3.75 -17.97
N GLU C 46 -23.38 2.73 -18.10
CA GLU C 46 -24.31 2.26 -17.05
C GLU C 46 -23.55 1.78 -15.80
N SER C 47 -22.29 1.35 -15.96
CA SER C 47 -21.46 0.84 -14.84
C SER C 47 -20.99 2.00 -13.94
N PHE C 48 -21.19 3.26 -14.33
CA PHE C 48 -20.76 4.46 -13.55
C PHE C 48 -21.87 4.94 -12.59
N LYS C 49 -23.02 4.26 -12.56
CA LYS C 49 -24.05 4.51 -11.50
C LYS C 49 -23.51 4.14 -10.12
N ASN C 50 -23.24 5.14 -9.27
CA ASN C 50 -22.77 4.92 -7.86
C ASN C 50 -21.49 4.08 -7.87
N SER C 51 -20.59 4.37 -8.81
CA SER C 51 -19.27 3.69 -8.93
C SER C 51 -18.23 4.31 -8.00
N ALA C 52 -18.53 5.47 -7.39
CA ALA C 52 -17.55 6.15 -6.51
C ALA C 52 -17.06 5.17 -5.45
N THR C 53 -15.75 5.15 -5.18
CA THR C 53 -15.12 4.25 -4.19
C THR C 53 -13.74 4.84 -3.84
N PRO C 54 -13.27 4.70 -2.58
CA PRO C 54 -12.05 5.36 -2.16
C PRO C 54 -10.75 4.81 -2.79
N VAL C 55 -9.72 5.65 -2.78
CA VAL C 55 -8.33 5.22 -3.13
C VAL C 55 -8.03 3.92 -2.36
N GLY C 56 -7.44 2.94 -3.07
CA GLY C 56 -7.02 1.66 -2.47
C GLY C 56 -8.10 0.59 -2.42
N THR C 57 -9.25 0.85 -3.05
CA THR C 57 -10.42 -0.07 -3.04
C THR C 57 -10.86 -0.39 -4.47
N ALA C 58 -11.76 -1.37 -4.60
CA ALA C 58 -12.42 -1.70 -5.87
C ALA C 58 -13.91 -1.90 -5.62
N LYS C 59 -14.75 -1.39 -6.51
CA LYS C 59 -16.21 -1.57 -6.45
C LYS C 59 -16.73 -2.05 -7.81
N THR C 60 -17.48 -3.15 -7.82
CA THR C 60 -18.03 -3.72 -9.08
C THR C 60 -19.42 -3.13 -9.33
N VAL C 61 -19.65 -2.63 -10.53
CA VAL C 61 -21.02 -2.28 -11.01
C VAL C 61 -21.24 -3.00 -12.34
N MET C 62 -22.41 -3.65 -12.44
CA MET C 62 -22.84 -4.35 -13.67
C MET C 62 -23.26 -3.35 -14.73
N CYS C 63 -22.87 -3.58 -15.98
CA CYS C 63 -23.44 -2.97 -17.19
C CYS C 63 -24.23 -4.08 -17.90
N GLY C 64 -25.55 -4.11 -17.72
CA GLY C 64 -26.31 -5.34 -18.05
C GLY C 64 -25.93 -6.48 -17.10
N THR C 65 -25.30 -7.57 -17.57
CA THR C 65 -24.72 -8.61 -16.70
C THR C 65 -23.18 -8.60 -16.78
N TYR C 66 -22.60 -7.65 -17.49
CA TYR C 66 -21.13 -7.58 -17.69
C TYR C 66 -20.50 -6.79 -16.54
N PRO C 67 -19.67 -7.44 -15.68
CA PRO C 67 -19.13 -6.75 -14.51
C PRO C 67 -17.99 -5.79 -14.90
N VAL C 68 -18.06 -4.56 -14.38
CA VAL C 68 -16.98 -3.54 -14.44
C VAL C 68 -16.47 -3.31 -13.02
N ILE C 69 -15.20 -3.68 -12.76
CA ILE C 69 -14.57 -3.60 -11.42
C ILE C 69 -13.81 -2.28 -11.38
N HIS C 70 -14.37 -1.24 -10.70
CA HIS C 70 -13.73 0.09 -10.68
C HIS C 70 -12.67 0.04 -9.57
N ALA C 71 -11.39 0.02 -9.96
CA ALA C 71 -10.24 -0.08 -9.04
C ALA C 71 -9.55 1.29 -8.96
N VAL C 72 -9.49 1.87 -7.76
CA VAL C 72 -8.88 3.21 -7.58
C VAL C 72 -7.47 3.05 -7.03
N GLY C 73 -6.49 3.17 -7.91
CA GLY C 73 -5.09 3.29 -7.51
C GLY C 73 -4.81 4.70 -7.04
N PRO C 74 -3.72 4.88 -6.29
CA PRO C 74 -3.33 6.23 -5.88
C PRO C 74 -2.80 7.05 -7.06
N ASN C 75 -3.00 8.37 -6.97
CA ASN C 75 -2.38 9.33 -7.89
C ASN C 75 -1.05 9.77 -7.28
N PHE C 76 0.07 9.38 -7.90
CA PHE C 76 1.40 9.64 -7.32
C PHE C 76 1.82 11.11 -7.45
N SER C 77 1.01 11.95 -8.11
CA SER C 77 1.24 13.42 -8.09
C SER C 77 1.00 13.96 -6.68
N ASN C 78 0.13 13.30 -5.91
CA ASN C 78 -0.34 13.79 -4.59
C ASN C 78 -0.08 12.77 -3.47
N TYR C 79 0.47 11.59 -3.78
CA TYR C 79 0.84 10.57 -2.77
C TYR C 79 2.38 10.51 -2.72
N THR C 80 2.96 10.32 -1.56
CA THR C 80 4.40 10.02 -1.45
C THR C 80 4.66 8.63 -2.02
N GLU C 81 5.91 8.30 -2.31
CA GLU C 81 6.26 6.93 -2.79
C GLU C 81 5.85 5.91 -1.74
N SER C 82 6.10 6.17 -0.45
CA SER C 82 5.75 5.25 0.65
C SER C 82 4.24 4.99 0.73
N GLU C 83 3.42 6.05 0.86
CA GLU C 83 1.96 5.89 1.09
C GLU C 83 1.33 5.30 -0.19
N GLY C 84 1.80 5.74 -1.34
CA GLY C 84 1.25 5.31 -2.64
C GLY C 84 1.53 3.83 -2.86
N ASP C 85 2.72 3.37 -2.49
CA ASP C 85 3.07 1.96 -2.71
C ASP C 85 2.06 1.09 -1.95
N ARG C 86 1.70 1.46 -0.73
CA ARG C 86 0.72 0.69 0.05
C ARG C 86 -0.70 0.75 -0.57
N GLU C 87 -1.16 1.89 -1.04
CA GLU C 87 -2.53 2.00 -1.60
C GLU C 87 -2.59 1.24 -2.95
N LEU C 88 -1.50 1.23 -3.71
CA LEU C 88 -1.45 0.52 -5.02
C LEU C 88 -1.56 -0.99 -4.77
N ALA C 89 -0.78 -1.51 -3.82
CA ALA C 89 -0.88 -2.93 -3.39
C ALA C 89 -2.34 -3.24 -2.99
N ALA C 90 -2.98 -2.35 -2.21
CA ALA C 90 -4.33 -2.61 -1.65
C ALA C 90 -5.38 -2.61 -2.77
N ALA C 91 -5.28 -1.71 -3.75
CA ALA C 91 -6.22 -1.64 -4.90
C ALA C 91 -6.18 -2.99 -5.62
N TYR C 92 -4.99 -3.51 -5.86
CA TYR C 92 -4.90 -4.81 -6.57
C TYR C 92 -5.47 -5.96 -5.73
N ARG C 93 -5.21 -5.96 -4.41
N ARG C 93 -5.22 -5.96 -4.42
CA ARG C 93 -5.78 -6.99 -3.50
CA ARG C 93 -5.80 -7.01 -3.51
C ARG C 93 -7.32 -6.96 -3.60
C ARG C 93 -7.33 -6.96 -3.60
N GLU C 94 -7.91 -5.77 -3.66
CA GLU C 94 -9.39 -5.64 -3.79
C GLU C 94 -9.84 -6.13 -5.17
N VAL C 95 -9.04 -5.96 -6.21
CA VAL C 95 -9.42 -6.49 -7.57
C VAL C 95 -9.47 -8.02 -7.44
N ALA C 96 -8.47 -8.65 -6.81
CA ALA C 96 -8.44 -10.12 -6.67
C ALA C 96 -9.66 -10.61 -5.91
N LYS C 97 -10.08 -9.90 -4.86
CA LYS C 97 -11.29 -10.27 -4.10
C LYS C 97 -12.52 -10.16 -5.02
N GLU C 98 -12.66 -9.07 -5.78
CA GLU C 98 -13.86 -8.87 -6.63
C GLU C 98 -13.91 -9.93 -7.73
N VAL C 99 -12.77 -10.20 -8.38
CA VAL C 99 -12.74 -11.28 -9.41
C VAL C 99 -13.17 -12.63 -8.79
N THR C 100 -12.68 -12.95 -7.60
CA THR C 100 -13.00 -14.23 -6.91
C THR C 100 -14.51 -14.25 -6.59
N ARG C 101 -15.02 -13.17 -6.03
CA ARG C 101 -16.46 -13.06 -5.66
C ARG C 101 -17.32 -13.31 -6.90
N LEU C 102 -16.94 -12.78 -8.06
CA LEU C 102 -17.79 -12.87 -9.26
C LEU C 102 -17.81 -14.27 -9.86
N GLY C 103 -16.81 -15.10 -9.58
CA GLY C 103 -16.72 -16.47 -10.12
C GLY C 103 -16.32 -16.53 -11.60
N VAL C 104 -15.82 -15.43 -12.15
CA VAL C 104 -15.40 -15.33 -13.58
C VAL C 104 -14.19 -16.23 -13.83
N ASN C 105 -14.03 -16.71 -15.08
CA ASN C 105 -12.88 -17.53 -15.50
C ASN C 105 -11.81 -16.66 -16.17
N SER C 106 -12.09 -15.38 -16.38
CA SER C 106 -11.14 -14.45 -17.02
C SER C 106 -11.46 -13.02 -16.64
N VAL C 107 -10.44 -12.17 -16.74
CA VAL C 107 -10.48 -10.72 -16.41
C VAL C 107 -9.47 -9.97 -17.28
N ALA C 108 -9.89 -8.81 -17.80
CA ALA C 108 -9.09 -7.84 -18.55
C ALA C 108 -8.67 -6.77 -17.56
N ILE C 109 -7.36 -6.56 -17.40
N ILE C 109 -7.38 -6.47 -17.46
CA ILE C 109 -6.78 -5.62 -16.39
CA ILE C 109 -6.87 -5.58 -16.38
C ILE C 109 -5.84 -4.64 -17.08
C ILE C 109 -5.78 -4.68 -16.96
N PRO C 110 -5.86 -3.35 -16.69
CA PRO C 110 -4.80 -2.42 -17.06
C PRO C 110 -3.80 -2.27 -15.90
N LEU C 111 -2.64 -1.68 -16.15
CA LEU C 111 -1.67 -1.43 -15.04
C LEU C 111 -2.11 -0.15 -14.31
N LEU C 112 -2.54 -0.32 -13.07
CA LEU C 112 -3.01 0.79 -12.21
C LEU C 112 -1.87 1.75 -11.92
N SER C 113 -2.20 3.05 -11.90
CA SER C 113 -1.31 4.14 -11.45
C SER C 113 -0.14 4.32 -12.42
N THR C 114 -0.29 3.98 -13.72
CA THR C 114 0.82 4.12 -14.69
C THR C 114 0.60 5.21 -15.75
N GLY C 115 -0.56 5.86 -15.81
CA GLY C 115 -0.80 6.95 -16.79
C GLY C 115 -0.79 8.29 -16.08
N VAL C 116 -1.94 8.98 -16.06
CA VAL C 116 -2.03 10.33 -15.45
C VAL C 116 -1.88 10.22 -13.92
N TYR C 117 -1.98 9.04 -13.32
CA TYR C 117 -1.78 8.83 -11.85
C TYR C 117 -0.31 8.43 -11.58
N SER C 118 0.55 8.37 -12.59
CA SER C 118 1.96 7.95 -12.41
C SER C 118 2.81 9.02 -11.72
N GLY C 119 2.34 10.27 -11.66
CA GLY C 119 3.19 11.39 -11.21
C GLY C 119 4.42 11.58 -12.07
N GLY C 120 4.35 11.22 -13.35
CA GLY C 120 5.44 11.36 -14.34
C GLY C 120 6.59 10.36 -14.19
N LYS C 121 6.42 9.24 -13.49
CA LYS C 121 7.48 8.21 -13.30
C LYS C 121 7.05 6.95 -14.07
N ASP C 122 8.02 6.17 -14.53
CA ASP C 122 7.78 4.86 -15.19
C ASP C 122 7.45 3.86 -14.08
N ARG C 123 6.19 3.44 -13.97
CA ARG C 123 5.78 2.51 -12.88
C ARG C 123 5.41 1.12 -13.43
N LEU C 124 5.91 0.72 -14.59
CA LEU C 124 5.58 -0.60 -15.17
C LEU C 124 5.91 -1.74 -14.19
N THR C 125 7.18 -1.84 -13.75
CA THR C 125 7.61 -2.93 -12.86
C THR C 125 6.86 -2.86 -11.54
N GLN C 126 6.72 -1.67 -10.94
CA GLN C 126 6.05 -1.53 -9.62
C GLN C 126 4.60 -2.03 -9.76
N SER C 127 3.89 -1.51 -10.74
CA SER C 127 2.46 -1.82 -10.93
C SER C 127 2.29 -3.32 -11.23
N LEU C 128 3.11 -3.86 -12.13
CA LEU C 128 3.01 -5.29 -12.54
C LEU C 128 3.36 -6.19 -11.36
N ASN C 129 4.37 -5.83 -10.55
CA ASN C 129 4.68 -6.65 -9.34
C ASN C 129 3.47 -6.70 -8.40
N HIS C 130 2.80 -5.57 -8.13
CA HIS C 130 1.61 -5.57 -7.25
C HIS C 130 0.49 -6.40 -7.88
N LEU C 131 0.34 -6.36 -9.20
CA LEU C 131 -0.69 -7.15 -9.92
C LEU C 131 -0.48 -8.64 -9.69
N PHE C 132 0.75 -9.11 -9.85
CA PHE C 132 1.09 -10.54 -9.66
C PHE C 132 0.91 -10.90 -8.20
N THR C 133 1.33 -10.05 -7.24
CA THR C 133 1.23 -10.37 -5.79
C THR C 133 -0.25 -10.64 -5.47
N ALA C 134 -1.18 -9.85 -6.05
CA ALA C 134 -2.62 -10.01 -5.75
C ALA C 134 -3.22 -11.16 -6.56
N MET C 135 -2.88 -11.27 -7.85
CA MET C 135 -3.61 -12.20 -8.76
C MET C 135 -3.01 -13.61 -8.79
N ASP C 136 -1.79 -13.82 -8.29
CA ASP C 136 -1.18 -15.17 -8.41
C ASP C 136 -2.05 -16.22 -7.70
N SER C 137 -2.76 -15.89 -6.61
CA SER C 137 -3.57 -16.87 -5.87
C SER C 137 -4.97 -17.05 -6.46
N THR C 138 -5.33 -16.33 -7.53
CA THR C 138 -6.61 -16.48 -8.26
C THR C 138 -6.47 -17.48 -9.38
N ASP C 139 -7.57 -18.11 -9.79
CA ASP C 139 -7.58 -19.14 -10.87
C ASP C 139 -8.21 -18.57 -12.14
N ALA C 140 -8.40 -17.25 -12.24
CA ALA C 140 -8.91 -16.62 -13.49
C ALA C 140 -7.78 -16.48 -14.51
N ASP C 141 -8.07 -16.65 -15.80
CA ASP C 141 -7.14 -16.18 -16.85
C ASP C 141 -7.06 -14.67 -16.75
N VAL C 142 -5.86 -14.13 -16.59
CA VAL C 142 -5.62 -12.67 -16.53
C VAL C 142 -5.06 -12.19 -17.85
N VAL C 143 -5.70 -11.20 -18.45
CA VAL C 143 -5.19 -10.57 -19.69
C VAL C 143 -4.91 -9.11 -19.43
N ILE C 144 -3.64 -8.71 -19.54
CA ILE C 144 -3.17 -7.32 -19.25
C ILE C 144 -3.21 -6.54 -20.54
N TYR C 145 -3.83 -5.36 -20.53
CA TYR C 145 -3.97 -4.51 -21.73
C TYR C 145 -3.06 -3.29 -21.59
N CYS C 146 -2.29 -3.02 -22.64
CA CYS C 146 -1.43 -1.83 -22.71
C CYS C 146 -1.57 -1.19 -24.09
N ARG C 147 -0.96 -0.03 -24.27
CA ARG C 147 -0.99 0.74 -25.56
C ARG C 147 0.41 0.77 -26.18
N ASP C 148 1.44 0.89 -25.35
CA ASP C 148 2.83 1.14 -25.82
C ASP C 148 3.51 -0.15 -26.26
N LYS C 149 4.16 -0.16 -27.42
CA LYS C 149 4.86 -1.39 -27.87
C LYS C 149 6.03 -1.76 -26.95
N GLU C 150 6.79 -0.81 -26.40
CA GLU C 150 7.92 -1.16 -25.48
C GLU C 150 7.36 -1.77 -24.18
N TRP C 151 6.23 -1.27 -23.70
CA TRP C 151 5.56 -1.82 -22.49
C TRP C 151 5.08 -3.23 -22.78
N GLU C 152 4.52 -3.46 -23.96
CA GLU C 152 4.06 -4.83 -24.32
C GLU C 152 5.22 -5.81 -24.21
N LYS C 153 6.38 -5.47 -24.74
CA LYS C 153 7.58 -6.36 -24.76
C LYS C 153 8.06 -6.64 -23.32
N LYS C 154 8.14 -5.62 -22.49
CA LYS C 154 8.61 -5.74 -21.07
C LYS C 154 7.61 -6.54 -20.24
N ILE C 155 6.31 -6.30 -20.41
CA ILE C 155 5.29 -7.12 -19.67
C ILE C 155 5.39 -8.57 -20.12
N SER C 156 5.48 -8.78 -21.44
CA SER C 156 5.58 -10.14 -22.00
C SER C 156 6.79 -10.85 -21.43
N GLU C 157 7.95 -10.19 -21.37
CA GLU C 157 9.19 -10.78 -20.80
C GLU C 157 8.97 -11.16 -19.34
N ALA C 158 8.38 -10.26 -18.56
CA ALA C 158 8.10 -10.49 -17.13
C ALA C 158 7.25 -11.75 -16.94
N ILE C 159 6.24 -11.95 -17.78
CA ILE C 159 5.30 -13.11 -17.64
C ILE C 159 6.12 -14.37 -17.95
N GLN C 160 6.91 -14.32 -19.02
CA GLN C 160 7.64 -15.52 -19.51
C GLN C 160 8.76 -15.86 -18.52
N MET C 161 9.38 -14.88 -17.87
CA MET C 161 10.44 -15.11 -16.84
C MET C 161 9.99 -16.20 -15.86
N ARG C 162 8.71 -16.25 -15.45
CA ARG C 162 8.23 -17.04 -14.28
C ARG C 162 7.70 -18.43 -14.71
N THR C 163 7.52 -18.68 -16.01
CA THR C 163 7.04 -19.98 -16.54
C THR C 163 8.26 -20.86 -16.86
N PRO D 5 -8.53 -45.45 7.44
CA PRO D 5 -7.13 -44.98 7.43
C PRO D 5 -6.56 -44.76 8.85
N SER D 6 -5.25 -44.54 8.92
N SER D 6 -5.24 -44.62 8.95
CA SER D 6 -4.49 -44.27 10.17
CA SER D 6 -4.50 -44.27 10.19
C SER D 6 -3.79 -42.91 10.07
C SER D 6 -3.93 -42.86 10.04
N TYR D 7 -3.80 -42.12 11.14
CA TYR D 7 -3.30 -40.72 11.14
C TYR D 7 -2.16 -40.57 12.14
N ARG D 8 -1.09 -39.90 11.69
CA ARG D 8 0.06 -39.46 12.51
C ARG D 8 0.36 -38.02 12.13
N VAL D 9 1.11 -37.33 12.96
CA VAL D 9 1.65 -35.98 12.69
C VAL D 9 3.15 -36.01 12.90
N LYS D 10 3.90 -35.28 12.06
CA LYS D 10 5.35 -35.06 12.22
C LYS D 10 5.58 -33.55 12.12
N ARG D 11 6.44 -33.03 13.00
CA ARG D 11 6.97 -31.65 12.92
C ARG D 11 8.26 -31.71 12.12
N MET D 12 8.16 -31.63 10.79
CA MET D 12 9.35 -31.66 9.92
C MET D 12 8.96 -31.20 8.52
N ASP D 13 9.97 -30.90 7.71
CA ASP D 13 9.86 -30.51 6.28
C ASP D 13 9.16 -31.65 5.52
N ILE D 14 8.00 -31.38 4.91
CA ILE D 14 7.27 -32.37 4.09
C ILE D 14 8.12 -32.81 2.88
N ALA D 15 9.09 -32.00 2.46
CA ALA D 15 10.03 -32.32 1.36
C ALA D 15 10.91 -33.51 1.78
N LYS D 16 10.94 -33.88 3.07
CA LYS D 16 11.75 -35.03 3.57
C LYS D 16 10.83 -36.13 4.11
N ASN D 17 9.60 -36.23 3.62
CA ASN D 17 8.62 -37.24 4.11
C ASN D 17 9.11 -38.67 3.84
N ASP D 18 8.55 -39.61 4.60
CA ASP D 18 8.81 -41.07 4.49
C ASP D 18 7.58 -41.79 3.94
N GLU D 19 6.75 -41.15 3.12
CA GLU D 19 5.54 -41.79 2.57
C GLU D 19 5.65 -42.00 1.06
N GLU D 20 4.69 -42.75 0.48
CA GLU D 20 4.75 -43.14 -0.97
C GLU D 20 4.36 -42.01 -1.91
N CYS D 21 3.82 -40.88 -1.42
CA CYS D 21 3.46 -39.74 -2.27
C CYS D 21 3.26 -38.51 -1.38
N VAL D 22 3.21 -37.35 -2.01
CA VAL D 22 3.16 -36.08 -1.24
C VAL D 22 2.04 -35.25 -1.84
N VAL D 23 1.37 -34.51 -0.96
CA VAL D 23 0.41 -33.44 -1.35
C VAL D 23 1.13 -32.09 -1.24
N ASN D 24 1.14 -31.35 -2.33
CA ASN D 24 1.65 -29.97 -2.38
C ASN D 24 0.52 -29.01 -2.02
N ALA D 25 0.79 -28.05 -1.12
CA ALA D 25 -0.14 -26.91 -0.91
C ALA D 25 0.14 -25.89 -2.03
N ALA D 26 -0.47 -26.13 -3.19
CA ALA D 26 -0.12 -25.51 -4.46
C ALA D 26 -0.84 -24.19 -4.67
N ASN D 27 -0.36 -23.40 -5.61
CA ASN D 27 -1.12 -22.23 -6.12
C ASN D 27 -1.73 -22.62 -7.46
N PRO D 28 -2.77 -21.91 -7.91
CA PRO D 28 -3.48 -22.35 -9.11
C PRO D 28 -2.65 -22.28 -10.39
N ARG D 29 -1.53 -21.56 -10.37
CA ARG D 29 -0.77 -21.23 -11.61
C ARG D 29 0.43 -22.17 -11.78
N GLY D 30 0.68 -23.05 -10.82
CA GLY D 30 1.85 -23.92 -10.84
C GLY D 30 3.13 -23.15 -10.66
N LEU D 31 3.11 -22.02 -9.95
CA LEU D 31 4.33 -21.23 -9.64
C LEU D 31 5.05 -21.86 -8.46
N PRO D 32 6.37 -21.61 -8.33
CA PRO D 32 7.16 -22.07 -7.18
C PRO D 32 6.61 -21.68 -5.81
N GLY D 33 6.08 -20.45 -5.69
CA GLY D 33 5.41 -19.96 -4.47
C GLY D 33 6.38 -19.78 -3.31
N ASP D 34 5.86 -20.00 -2.10
CA ASP D 34 6.62 -19.91 -0.82
C ASP D 34 6.13 -21.02 0.12
N GLY D 35 6.75 -21.17 1.30
CA GLY D 35 6.35 -22.18 2.29
C GLY D 35 6.53 -23.59 1.74
N VAL D 36 5.57 -24.45 2.04
CA VAL D 36 5.51 -25.88 1.56
C VAL D 36 5.76 -25.89 0.05
N CYS D 37 5.08 -25.04 -0.71
CA CYS D 37 5.11 -25.05 -2.19
C CYS D 37 6.56 -24.86 -2.66
N LYS D 38 7.28 -23.92 -2.03
CA LYS D 38 8.69 -23.58 -2.33
C LYS D 38 9.59 -24.81 -2.09
N ALA D 39 9.37 -25.52 -0.98
CA ALA D 39 10.17 -26.68 -0.57
C ALA D 39 9.90 -27.85 -1.53
N VAL D 40 8.64 -27.99 -1.95
CA VAL D 40 8.18 -29.01 -2.94
C VAL D 40 8.84 -28.70 -4.29
N TYR D 41 8.88 -27.43 -4.68
CA TYR D 41 9.51 -27.00 -5.96
C TYR D 41 11.02 -27.35 -5.94
N LYS D 42 11.70 -27.12 -4.82
CA LYS D 42 13.16 -27.41 -4.73
C LYS D 42 13.42 -28.91 -4.80
N LYS D 43 12.54 -29.71 -4.19
CA LYS D 43 12.73 -31.20 -4.07
C LYS D 43 12.28 -31.92 -5.34
N TRP D 44 11.14 -31.55 -5.93
CA TRP D 44 10.49 -32.27 -7.05
C TRP D 44 10.16 -31.29 -8.18
N PRO D 45 11.12 -30.51 -8.71
CA PRO D 45 10.80 -29.47 -9.70
C PRO D 45 10.14 -30.04 -10.96
N GLU D 46 10.47 -31.28 -11.35
CA GLU D 46 9.89 -31.88 -12.56
C GLU D 46 8.38 -32.02 -12.40
N SER D 47 7.87 -32.09 -11.16
CA SER D 47 6.43 -32.28 -10.92
C SER D 47 5.64 -30.99 -11.23
N PHE D 48 6.28 -29.85 -11.51
CA PHE D 48 5.55 -28.60 -11.86
C PHE D 48 5.30 -28.46 -13.38
N LYS D 49 5.61 -29.48 -14.18
CA LYS D 49 5.25 -29.48 -15.62
C LYS D 49 3.73 -29.57 -15.74
N ASN D 50 3.07 -28.49 -16.20
CA ASN D 50 1.60 -28.47 -16.39
C ASN D 50 0.90 -28.87 -15.08
N SER D 51 1.34 -28.31 -13.97
CA SER D 51 0.70 -28.59 -12.65
C SER D 51 -0.40 -27.55 -12.39
N ALA D 52 -0.54 -26.51 -13.19
CA ALA D 52 -1.59 -25.47 -12.98
C ALA D 52 -2.95 -26.15 -12.95
N THR D 53 -3.81 -25.76 -12.01
CA THR D 53 -5.15 -26.37 -11.86
C THR D 53 -6.00 -25.41 -11.04
N PRO D 54 -7.34 -25.44 -11.16
CA PRO D 54 -8.12 -24.44 -10.46
C PRO D 54 -8.19 -24.65 -8.94
N VAL D 55 -8.64 -23.60 -8.26
CA VAL D 55 -8.97 -23.69 -6.81
C VAL D 55 -9.95 -24.83 -6.57
N GLY D 56 -9.76 -25.56 -5.47
CA GLY D 56 -10.64 -26.70 -5.11
C GLY D 56 -10.38 -27.97 -5.88
N THR D 57 -9.27 -28.04 -6.64
CA THR D 57 -8.92 -29.25 -7.43
C THR D 57 -7.56 -29.78 -7.03
N ALA D 58 -7.31 -31.02 -7.44
CA ALA D 58 -5.98 -31.66 -7.24
C ALA D 58 -5.48 -32.20 -8.58
N LYS D 59 -4.21 -32.00 -8.87
CA LYS D 59 -3.63 -32.53 -10.12
C LYS D 59 -2.31 -33.21 -9.77
N THR D 60 -2.20 -34.49 -10.14
CA THR D 60 -1.02 -35.33 -9.82
C THR D 60 -0.05 -35.28 -10.99
N VAL D 61 1.19 -34.91 -10.71
CA VAL D 61 2.31 -35.01 -11.69
C VAL D 61 3.42 -35.83 -11.06
N MET D 62 3.97 -36.76 -11.83
CA MET D 62 5.10 -37.63 -11.39
C MET D 62 6.42 -36.85 -11.43
N CYS D 63 7.25 -37.05 -10.42
CA CYS D 63 8.67 -36.74 -10.47
C CYS D 63 9.39 -38.09 -10.45
N GLY D 64 9.89 -38.55 -11.60
CA GLY D 64 10.31 -39.96 -11.69
C GLY D 64 9.07 -40.82 -11.57
N THR D 65 9.00 -41.68 -10.53
CA THR D 65 7.82 -42.52 -10.23
C THR D 65 7.14 -42.00 -8.94
N TYR D 66 7.63 -40.90 -8.38
CA TYR D 66 7.12 -40.38 -7.08
C TYR D 66 5.98 -39.39 -7.36
N PRO D 67 4.74 -39.67 -6.92
CA PRO D 67 3.61 -38.80 -7.25
C PRO D 67 3.55 -37.56 -6.37
N VAL D 68 3.37 -36.40 -7.00
CA VAL D 68 3.18 -35.11 -6.28
C VAL D 68 1.75 -34.66 -6.61
N ILE D 69 0.89 -34.62 -5.60
CA ILE D 69 -0.55 -34.33 -5.76
C ILE D 69 -0.67 -32.83 -5.47
N HIS D 70 -0.74 -32.00 -6.50
CA HIS D 70 -0.84 -30.52 -6.31
C HIS D 70 -2.30 -30.19 -5.95
N ALA D 71 -2.55 -29.79 -4.71
CA ALA D 71 -3.93 -29.49 -4.21
C ALA D 71 -4.05 -27.99 -3.98
N VAL D 72 -5.04 -27.35 -4.60
CA VAL D 72 -5.15 -25.87 -4.54
C VAL D 72 -6.27 -25.48 -3.55
N GLY D 73 -5.87 -25.15 -2.34
CA GLY D 73 -6.83 -24.66 -1.35
C GLY D 73 -7.14 -23.22 -1.68
N PRO D 74 -8.26 -22.69 -1.19
CA PRO D 74 -8.57 -21.29 -1.41
C PRO D 74 -7.70 -20.34 -0.60
N ASN D 75 -7.45 -19.18 -1.17
CA ASN D 75 -6.86 -18.02 -0.44
C ASN D 75 -7.99 -17.26 0.25
N PHE D 76 -8.08 -17.37 1.58
CA PHE D 76 -9.14 -16.67 2.34
C PHE D 76 -8.93 -15.15 2.32
N SER D 77 -7.83 -14.58 1.84
CA SER D 77 -7.81 -13.15 1.50
C SER D 77 -8.78 -12.81 0.36
N ASN D 78 -9.11 -13.76 -0.53
CA ASN D 78 -9.87 -13.49 -1.77
C ASN D 78 -11.30 -13.99 -1.63
N TYR D 79 -11.51 -15.11 -0.92
CA TYR D 79 -12.79 -15.83 -0.77
C TYR D 79 -13.49 -15.34 0.52
N THR D 80 -14.82 -15.28 0.49
CA THR D 80 -15.63 -15.21 1.73
C THR D 80 -15.43 -16.47 2.57
N GLU D 81 -15.74 -16.39 3.87
CA GLU D 81 -15.71 -17.61 4.72
C GLU D 81 -16.56 -18.72 4.10
N SER D 82 -17.77 -18.41 3.62
CA SER D 82 -18.73 -19.40 3.10
C SER D 82 -18.17 -20.07 1.82
N GLU D 83 -17.76 -19.28 0.82
CA GLU D 83 -17.32 -19.86 -0.48
C GLU D 83 -15.97 -20.58 -0.27
N GLY D 84 -15.10 -20.02 0.55
CA GLY D 84 -13.78 -20.61 0.90
C GLY D 84 -13.93 -21.93 1.59
N ASP D 85 -14.88 -22.04 2.53
CA ASP D 85 -15.09 -23.33 3.23
C ASP D 85 -15.43 -24.45 2.25
N ARG D 86 -16.30 -24.17 1.29
CA ARG D 86 -16.72 -25.10 0.22
C ARG D 86 -15.47 -25.52 -0.59
N GLU D 87 -14.61 -24.59 -0.95
CA GLU D 87 -13.45 -24.89 -1.85
C GLU D 87 -12.38 -25.67 -1.08
N LEU D 88 -12.23 -25.43 0.22
CA LEU D 88 -11.28 -26.18 1.07
C LEU D 88 -11.74 -27.63 1.20
N ALA D 89 -13.02 -27.86 1.46
CA ALA D 89 -13.62 -29.22 1.46
C ALA D 89 -13.31 -29.92 0.12
N ALA D 90 -13.53 -29.22 -0.99
CA ALA D 90 -13.42 -29.76 -2.37
C ALA D 90 -11.96 -30.17 -2.65
N ALA D 91 -11.00 -29.33 -2.29
CA ALA D 91 -9.55 -29.62 -2.52
C ALA D 91 -9.20 -30.93 -1.82
N TYR D 92 -9.57 -31.10 -0.55
CA TYR D 92 -9.29 -32.36 0.18
C TYR D 92 -10.03 -33.56 -0.43
N ARG D 93 -11.29 -33.38 -0.85
CA ARG D 93 -12.09 -34.43 -1.55
C ARG D 93 -11.33 -34.91 -2.80
N GLU D 94 -10.79 -33.98 -3.59
CA GLU D 94 -10.02 -34.32 -4.82
C GLU D 94 -8.68 -34.99 -4.46
N VAL D 95 -8.01 -34.58 -3.39
CA VAL D 95 -6.80 -35.29 -2.83
C VAL D 95 -7.17 -36.75 -2.55
N ALA D 96 -8.26 -36.99 -1.82
CA ALA D 96 -8.64 -38.36 -1.40
C ALA D 96 -8.84 -39.24 -2.64
N LYS D 97 -9.51 -38.69 -3.67
CA LYS D 97 -9.81 -39.43 -4.92
C LYS D 97 -8.49 -39.83 -5.61
N GLU D 98 -7.52 -38.92 -5.64
CA GLU D 98 -6.19 -39.21 -6.25
C GLU D 98 -5.44 -40.27 -5.44
N VAL D 99 -5.45 -40.17 -4.11
CA VAL D 99 -4.78 -41.17 -3.23
C VAL D 99 -5.34 -42.57 -3.53
N THR D 100 -6.67 -42.71 -3.63
CA THR D 100 -7.35 -44.00 -3.93
C THR D 100 -6.91 -44.48 -5.32
N ARG D 101 -7.02 -43.60 -6.32
CA ARG D 101 -6.74 -43.94 -7.74
C ARG D 101 -5.30 -44.43 -7.87
N LEU D 102 -4.35 -43.80 -7.16
CA LEU D 102 -2.91 -44.12 -7.24
C LEU D 102 -2.63 -45.45 -6.55
N GLY D 103 -3.49 -45.88 -5.62
CA GLY D 103 -3.33 -47.16 -4.89
C GLY D 103 -2.17 -47.16 -3.93
N VAL D 104 -1.71 -46.00 -3.48
CA VAL D 104 -0.60 -45.90 -2.51
C VAL D 104 -1.02 -46.47 -1.15
N ASN D 105 -0.02 -46.88 -0.37
CA ASN D 105 -0.19 -47.31 1.03
C ASN D 105 -0.13 -46.11 1.98
N SER D 106 0.52 -45.02 1.58
CA SER D 106 0.76 -43.88 2.52
C SER D 106 0.83 -42.58 1.74
N VAL D 107 0.56 -41.46 2.43
CA VAL D 107 0.56 -40.10 1.84
C VAL D 107 0.96 -39.11 2.92
N ALA D 108 1.85 -38.18 2.55
CA ALA D 108 2.32 -37.03 3.32
C ALA D 108 1.44 -35.84 2.92
N ILE D 109 0.84 -35.15 3.89
N ILE D 109 0.77 -35.22 3.90
CA ILE D 109 -0.19 -34.11 3.61
CA ILE D 109 -0.20 -34.10 3.66
C ILE D 109 -0.02 -32.93 4.56
C ILE D 109 0.15 -32.92 4.56
N PRO D 110 0.05 -31.69 4.03
CA PRO D 110 0.08 -30.50 4.87
C PRO D 110 -1.34 -29.99 5.11
N LEU D 111 -1.52 -29.04 6.05
CA LEU D 111 -2.87 -28.45 6.30
C LEU D 111 -3.07 -27.31 5.32
N LEU D 112 -3.92 -27.55 4.33
CA LEU D 112 -4.18 -26.59 3.26
C LEU D 112 -4.80 -25.32 3.85
N SER D 113 -4.43 -24.19 3.27
CA SER D 113 -5.03 -22.84 3.51
C SER D 113 -4.70 -22.34 4.94
N THR D 114 -3.67 -22.87 5.61
CA THR D 114 -3.34 -22.49 7.02
C THR D 114 -2.15 -21.54 7.13
N GLY D 115 -1.45 -21.27 6.04
CA GLY D 115 -0.32 -20.33 5.98
C GLY D 115 -0.72 -19.03 5.33
N VAL D 116 -0.02 -18.65 4.26
CA VAL D 116 -0.29 -17.34 3.59
C VAL D 116 -1.67 -17.34 2.92
N TYR D 117 -2.37 -18.47 2.79
CA TYR D 117 -3.78 -18.49 2.28
C TYR D 117 -4.81 -18.42 3.41
N SER D 118 -4.38 -18.19 4.67
CA SER D 118 -5.28 -18.24 5.85
C SER D 118 -6.06 -16.94 6.04
N GLY D 119 -5.70 -15.87 5.33
CA GLY D 119 -6.36 -14.55 5.47
C GLY D 119 -6.16 -14.02 6.89
N GLY D 120 -5.01 -14.34 7.50
CA GLY D 120 -4.56 -13.87 8.82
C GLY D 120 -5.25 -14.57 9.99
N LYS D 121 -5.98 -15.66 9.76
CA LYS D 121 -6.82 -16.37 10.74
C LYS D 121 -6.20 -17.74 11.05
N ASP D 122 -6.40 -18.23 12.28
CA ASP D 122 -6.00 -19.59 12.70
C ASP D 122 -7.01 -20.58 12.15
N ARG D 123 -6.61 -21.39 11.16
CA ARG D 123 -7.48 -22.37 10.47
C ARG D 123 -7.03 -23.81 10.74
N LEU D 124 -6.27 -24.06 11.81
CA LEU D 124 -5.85 -25.45 12.15
C LEU D 124 -7.07 -26.37 12.24
N THR D 125 -8.06 -26.08 13.11
CA THR D 125 -9.24 -26.97 13.31
C THR D 125 -10.05 -27.12 12.01
N GLN D 126 -10.27 -26.01 11.31
CA GLN D 126 -11.10 -26.01 10.08
C GLN D 126 -10.41 -26.90 9.03
N SER D 127 -9.13 -26.65 8.78
CA SER D 127 -8.37 -27.42 7.75
C SER D 127 -8.29 -28.91 8.12
N LEU D 128 -7.95 -29.22 9.39
CA LEU D 128 -7.85 -30.62 9.87
C LEU D 128 -9.22 -31.30 9.77
N ASN D 129 -10.34 -30.61 10.04
CA ASN D 129 -11.67 -31.25 9.97
C ASN D 129 -12.00 -31.67 8.53
N HIS D 130 -11.72 -30.82 7.54
CA HIS D 130 -11.91 -31.16 6.10
C HIS D 130 -10.98 -32.33 5.69
N LEU D 131 -9.73 -32.30 6.15
CA LEU D 131 -8.74 -33.41 5.94
C LEU D 131 -9.34 -34.74 6.41
N PHE D 132 -9.78 -34.83 7.67
CA PHE D 132 -10.32 -36.10 8.22
C PHE D 132 -11.54 -36.53 7.39
N THR D 133 -12.44 -35.60 7.06
CA THR D 133 -13.69 -35.94 6.33
C THR D 133 -13.34 -36.63 5.01
N ALA D 134 -12.40 -36.06 4.28
CA ALA D 134 -12.01 -36.56 2.96
C ALA D 134 -11.21 -37.86 3.11
N MET D 135 -10.21 -37.85 3.98
CA MET D 135 -9.20 -38.94 3.99
C MET D 135 -9.79 -40.18 4.68
N ASP D 136 -10.86 -40.02 5.49
CA ASP D 136 -11.52 -41.18 6.14
C ASP D 136 -12.06 -42.12 5.07
N SER D 137 -12.28 -41.65 3.84
CA SER D 137 -12.84 -42.48 2.75
C SER D 137 -11.74 -43.29 2.06
N THR D 138 -10.46 -43.10 2.41
CA THR D 138 -9.32 -43.90 1.88
C THR D 138 -8.90 -44.98 2.88
N ASP D 139 -7.99 -45.86 2.51
CA ASP D 139 -7.45 -46.87 3.48
C ASP D 139 -5.94 -46.64 3.66
N ALA D 140 -5.42 -45.45 3.31
CA ALA D 140 -3.98 -45.14 3.37
C ALA D 140 -3.59 -44.68 4.76
N ASP D 141 -2.36 -44.98 5.16
CA ASP D 141 -1.67 -44.30 6.29
C ASP D 141 -1.48 -42.85 5.88
N VAL D 142 -2.02 -41.93 6.68
CA VAL D 142 -1.92 -40.48 6.43
C VAL D 142 -0.98 -39.88 7.45
N VAL D 143 0.05 -39.18 6.98
CA VAL D 143 1.01 -38.47 7.84
C VAL D 143 0.91 -36.97 7.55
N ILE D 144 0.45 -36.22 8.54
CA ILE D 144 0.26 -34.76 8.50
C ILE D 144 1.56 -34.10 8.91
N TYR D 145 2.04 -33.15 8.11
CA TYR D 145 3.32 -32.43 8.33
C TYR D 145 3.00 -31.00 8.78
N CYS D 146 3.67 -30.53 9.85
CA CYS D 146 3.61 -29.13 10.38
C CYS D 146 5.01 -28.70 10.78
N ARG D 147 5.18 -27.40 11.08
N ARG D 147 5.16 -27.40 11.07
CA ARG D 147 6.48 -26.74 11.40
CA ARG D 147 6.44 -26.68 11.32
C ARG D 147 6.56 -26.39 12.88
C ARG D 147 6.38 -25.90 12.64
N ASP D 148 5.39 -26.17 13.50
CA ASP D 148 5.25 -25.46 14.81
C ASP D 148 4.95 -26.46 15.94
N LYS D 149 5.60 -26.33 17.11
CA LYS D 149 5.42 -27.27 18.26
C LYS D 149 3.97 -27.23 18.77
N GLU D 150 3.38 -26.04 18.91
CA GLU D 150 2.00 -25.92 19.44
C GLU D 150 1.01 -26.55 18.43
N TRP D 151 1.24 -26.36 17.13
CA TRP D 151 0.36 -27.00 16.09
C TRP D 151 0.53 -28.52 16.15
N GLU D 152 1.78 -29.00 16.26
CA GLU D 152 2.08 -30.45 16.42
C GLU D 152 1.20 -31.02 17.56
N LYS D 153 1.26 -30.38 18.72
CA LYS D 153 0.50 -30.76 19.95
C LYS D 153 -1.00 -30.80 19.63
N LYS D 154 -1.51 -29.71 19.05
CA LYS D 154 -2.96 -29.53 18.74
C LYS D 154 -3.42 -30.61 17.74
N ILE D 155 -2.65 -30.84 16.68
CA ILE D 155 -2.99 -31.88 15.65
C ILE D 155 -2.99 -33.26 16.32
N SER D 156 -1.96 -33.56 17.11
CA SER D 156 -1.83 -34.85 17.82
C SER D 156 -3.05 -35.09 18.74
N GLU D 157 -3.43 -34.08 19.53
CA GLU D 157 -4.63 -34.15 20.40
C GLU D 157 -5.87 -34.40 19.54
N ALA D 158 -6.02 -33.71 18.41
CA ALA D 158 -7.20 -33.90 17.54
C ALA D 158 -7.25 -35.36 17.03
N ILE D 159 -6.10 -35.96 16.72
CA ILE D 159 -6.05 -37.37 16.25
C ILE D 159 -6.48 -38.29 17.40
N GLN D 160 -5.91 -38.07 18.58
CA GLN D 160 -6.16 -38.88 19.81
C GLN D 160 -7.67 -38.85 20.15
N MET D 161 -8.27 -37.66 20.13
CA MET D 161 -9.66 -37.39 20.57
C MET D 161 -10.67 -38.17 19.70
N ARG D 162 -10.32 -38.47 18.45
CA ARG D 162 -11.23 -39.20 17.52
C ARG D 162 -11.23 -40.71 17.80
N THR D 163 -10.27 -41.22 18.56
CA THR D 163 -10.17 -42.66 18.86
C THR D 163 -11.15 -42.96 20.00
S DMS E . 0.35 2.39 8.74
O DMS E . 1.18 1.31 8.04
C1 DMS E . 1.44 3.60 9.31
C2 DMS E . -0.15 1.72 10.32
S DMS F . 17.13 2.50 18.54
O DMS F . 16.51 1.13 18.51
C1 DMS F . 18.70 2.36 17.75
C2 DMS F . 17.77 2.72 20.16
S DMS G . 18.69 15.22 20.52
O DMS G . 19.34 14.60 19.30
C1 DMS G . 18.35 16.92 20.13
C2 DMS G . 19.97 15.48 21.72
C TRS H . 31.75 -4.75 11.57
C1 TRS H . 31.69 -3.61 10.54
C2 TRS H . 30.70 -5.82 11.28
C3 TRS H . 33.14 -5.39 11.59
N TRS H . 31.42 -4.17 12.92
O1 TRS H . 32.56 -2.51 10.86
O2 TRS H . 30.98 -6.55 10.10
O3 TRS H . 33.39 -6.11 12.80
S DMS I . 16.93 -6.22 -1.43
O DMS I . 17.01 -4.76 -1.83
C1 DMS I . 15.83 -6.32 -0.07
C2 DMS I . 18.43 -6.59 -0.54
S DMS J . 18.23 9.20 16.55
O DMS J . 18.70 8.28 15.44
C1 DMS J . 16.55 8.70 16.94
C2 DMS J . 17.85 10.75 15.76
S DMS K . 17.67 22.87 4.55
O DMS K . 16.90 22.25 3.47
C1 DMS K . 16.71 24.27 5.13
C2 DMS K . 19.04 23.71 3.80
CL CL L . 20.37 6.71 18.17
CL CL M . 16.91 15.84 16.48
CL CL N . 5.62 15.18 12.23
S DMS O . 7.57 19.17 13.74
O DMS O . 8.23 17.89 14.30
C1 DMS O . 6.46 18.63 12.45
C2 DMS O . 6.34 19.71 14.92
S DMS P . 2.37 -4.31 0.71
O DMS P . 2.68 -2.88 0.23
C1 DMS P . 1.04 -4.17 1.88
C2 DMS P . 3.62 -4.77 1.89
S DMS Q . -9.63 22.43 14.28
O DMS Q . -8.15 22.66 14.32
C1 DMS Q . -10.31 23.90 13.53
C2 DMS Q . -10.09 22.81 15.94
CL CL R . -14.14 23.50 12.42
N1 CFF S . -11.91 15.84 6.35
C2 CFF S . -11.50 15.18 7.51
C10 CFF S . -11.00 15.81 5.21
C6 CFF S . -13.14 16.51 6.18
N3 CFF S . -12.39 15.15 8.59
O11 CFF S . -10.39 14.68 7.59
C12 CFF S . -12.06 14.31 9.75
C4 CFF S . -13.60 15.79 8.48
C5 CFF S . -13.97 16.45 7.35
N9 CFF S . -14.58 15.84 9.43
O13 CFF S . -13.40 17.07 5.12
N7 CFF S . -15.24 16.91 7.59
C8 CFF S . -15.54 16.51 8.85
C14 CFF S . -16.11 17.65 6.68
CL CL T . -10.70 8.50 -1.28
S DMS U . -21.00 1.82 -27.52
O DMS U . -21.60 1.63 -26.12
C1 DMS U . -19.41 1.12 -27.50
C2 DMS U . -20.53 3.55 -27.63
CL CL V . -3.61 5.63 -14.23
S DMS W . -8.05 8.86 -15.15
O DMS W . -7.72 9.73 -16.33
C1 DMS W . -7.80 9.89 -13.72
C2 DMS W . -6.66 7.78 -14.92
N1 CFF X . -5.21 0.95 -22.56
C2 CFF X . -6.43 1.45 -23.05
C10 CFF X . -5.09 -0.51 -22.41
C6 CFF X . -4.06 1.72 -22.25
N3 CFF X . -6.51 2.81 -23.27
O11 CFF X . -7.39 0.72 -23.20
C12 CFF X . -7.76 3.37 -23.80
C4 CFF X . -5.42 3.62 -23.00
C5 CFF X . -4.26 3.11 -22.49
N9 CFF X . -5.35 4.96 -23.19
O13 CFF X . -3.05 1.19 -21.81
N7 CFF X . -3.41 4.19 -22.36
C8 CFF X . -4.13 5.27 -22.78
C14 CFF X . -2.04 4.21 -21.86
C TRS Y . -14.38 -25.32 -8.89
C1 TRS Y . -15.33 -24.57 -9.84
C2 TRS Y . -15.20 -25.97 -7.77
C3 TRS Y . -13.57 -26.38 -9.65
N TRS Y . -13.45 -24.30 -8.29
O1 TRS Y . -15.86 -23.40 -9.23
O2 TRS Y . -14.39 -26.70 -6.87
O3 TRS Y . -13.19 -26.01 -10.96
S DMS Z . 17.32 -31.97 -4.31
O DMS Z . 16.43 -31.93 -3.09
C1 DMS Z . 17.70 -30.27 -4.69
C2 DMS Z . 16.27 -32.31 -5.71
S DMS AA . 1.14 -20.63 -1.47
O DMS AA . 2.05 -21.13 -2.56
C1 DMS AA . 2.05 -20.74 0.04
C2 DMS AA . -0.06 -21.90 -1.16
S DMS BA . -0.79 -39.30 -13.32
O DMS BA . -0.73 -39.85 -11.92
C1 DMS BA . 0.54 -38.13 -13.46
C2 DMS BA . -2.15 -38.15 -13.35
CL CL CA . -1.13 -21.57 2.55
N1 CFF DA . 5.87 -27.39 6.41
C2 CFF DA . 6.98 -27.21 5.56
C10 CFF DA . 5.51 -28.77 6.75
C6 CFF DA . 5.08 -26.36 6.96
N3 CFF DA . 7.37 -25.89 5.30
O11 CFF DA . 7.56 -28.15 5.07
C12 CFF DA . 8.55 -25.64 4.46
C4 CFF DA . 6.66 -24.85 5.84
C5 CFF DA . 5.56 -25.05 6.62
N9 CFF DA . 6.91 -23.52 5.69
O13 CFF DA . 4.13 -26.64 7.68
N7 CFF DA . 5.11 -23.79 6.97
C8 CFF DA . 5.96 -22.93 6.38
C14 CFF DA . 3.95 -23.45 7.80
#